data_6DS1
#
_entry.id   6DS1
#
_cell.length_a   68.504
_cell.length_b   68.462
_cell.length_c   70.718
_cell.angle_alpha   89.310
_cell.angle_beta   113.430
_cell.angle_gamma   115.670
#
_symmetry.space_group_name_H-M   'P 1'
#
loop_
_entity.id
_entity.type
_entity.pdbx_description
1 polymer 'Putative oxidoreductase'
2 non-polymer 'NADP NICOTINAMIDE-ADENINE-DINUCLEOTIDE PHOSPHATE'
3 non-polymer GLYCEROL
4 non-polymer 'MAGNESIUM ION'
5 water water
#
_entity_poly.entity_id   1
_entity_poly.type   'polypeptide(L)'
_entity_poly.pdbx_seq_one_letter_code
;MDLKIKNKVCIITGGAKGIGYGIAKLWASEGGIPVIFSRSMPKEHDKELKKLSSEYEFYEIDLKNYEQIEKLVKKVAIKH
GGIYALVNNAGTNDNLHIENTSTQDLIKSYENNLFHYYTMTKECLPYIKKEQGSILNIVSKTGITGQGRTSAYASAKAAQ
MGFTREWACAFAKDNVRVNAIAPAEVMTPLYEKWLQNFPNPKEQYEKIAKAIPLGHRFTTIEEIANTAVFTLSPLASHTT
GQILMPDGGYVHLDRALNWDENTRGHHHHHH
;
_entity_poly.pdbx_strand_id   A,B,C,D
#
loop_
_chem_comp.id
_chem_comp.type
_chem_comp.name
_chem_comp.formula
GOL non-polymer GLYCEROL 'C3 H8 O3'
MG non-polymer 'MAGNESIUM ION' 'Mg 2'
NAP non-polymer 'NADP NICOTINAMIDE-ADENINE-DINUCLEOTIDE PHOSPHATE' 'C21 H28 N7 O17 P3'
#
# COMPACT_ATOMS: atom_id res chain seq x y z
N MET A 1 -29.01 5.98 11.14
CA MET A 1 -28.37 6.52 9.95
C MET A 1 -29.20 6.17 8.71
N ASP A 2 -29.65 7.20 7.99
CA ASP A 2 -30.48 7.05 6.79
C ASP A 2 -29.56 6.92 5.58
N LEU A 3 -29.47 5.70 5.02
CA LEU A 3 -28.54 5.42 3.94
C LEU A 3 -28.99 5.96 2.58
N LYS A 4 -30.25 6.39 2.43
CA LYS A 4 -30.72 7.02 1.19
C LYS A 4 -30.67 6.06 0.01
N ILE A 5 -31.06 4.81 0.23
CA ILE A 5 -31.11 3.83 -0.85
C ILE A 5 -32.50 3.22 -1.00
N LYS A 6 -33.51 3.82 -0.38
CA LYS A 6 -34.90 3.40 -0.60
C LYS A 6 -35.19 3.27 -2.10
N ASN A 7 -35.58 2.06 -2.51
CA ASN A 7 -36.00 1.71 -3.87
C ASN A 7 -34.87 1.73 -4.89
N LYS A 8 -33.61 1.85 -4.47
CA LYS A 8 -32.52 1.74 -5.43
C LYS A 8 -32.25 0.28 -5.73
N VAL A 9 -32.06 -0.04 -7.02
CA VAL A 9 -31.93 -1.44 -7.45
C VAL A 9 -30.45 -1.82 -7.45
N CYS A 10 -30.14 -2.94 -6.79
CA CYS A 10 -28.77 -3.45 -6.78
C CYS A 10 -28.75 -4.91 -7.24
N ILE A 11 -27.99 -5.20 -8.29
CA ILE A 11 -27.76 -6.59 -8.69
C ILE A 11 -26.61 -7.15 -7.86
N ILE A 12 -26.79 -8.37 -7.35
CA ILE A 12 -25.76 -9.01 -6.53
C ILE A 12 -25.49 -10.39 -7.11
N THR A 13 -24.33 -10.57 -7.74
CA THR A 13 -24.00 -11.88 -8.26
C THR A 13 -23.58 -12.81 -7.13
N GLY A 14 -23.92 -14.08 -7.25
CA GLY A 14 -23.74 -14.99 -6.13
C GLY A 14 -24.49 -14.56 -4.89
N GLY A 15 -25.52 -13.73 -5.03
CA GLY A 15 -26.26 -13.22 -3.91
C GLY A 15 -27.24 -14.17 -3.26
N ALA A 16 -27.21 -15.45 -3.61
CA ALA A 16 -28.14 -16.42 -3.03
C ALA A 16 -27.62 -17.03 -1.74
N LYS A 17 -26.31 -17.02 -1.51
CA LYS A 17 -25.72 -17.67 -0.34
C LYS A 17 -24.59 -16.80 0.20
N GLY A 18 -24.23 -17.07 1.46
CA GLY A 18 -22.98 -16.56 2.02
C GLY A 18 -22.91 -15.05 2.06
N ILE A 19 -21.75 -14.50 1.66
CA ILE A 19 -21.50 -13.08 1.75
C ILE A 19 -22.54 -12.30 0.93
N GLY A 20 -22.70 -12.66 -0.35
CA GLY A 20 -23.63 -11.94 -1.20
C GLY A 20 -25.05 -11.97 -0.68
N TYR A 21 -25.44 -13.06 -0.02
CA TYR A 21 -26.79 -13.12 0.54
C TYR A 21 -26.93 -12.17 1.72
N GLY A 22 -25.89 -12.07 2.57
CA GLY A 22 -25.89 -11.08 3.63
C GLY A 22 -26.01 -9.66 3.11
N ILE A 23 -25.37 -9.38 1.97
CA ILE A 23 -25.49 -8.06 1.37
C ILE A 23 -26.90 -7.82 0.86
N ALA A 24 -27.53 -8.85 0.28
CA ALA A 24 -28.87 -8.70 -0.27
C ALA A 24 -29.89 -8.42 0.83
N LYS A 25 -29.79 -9.14 1.95
CA LYS A 25 -30.70 -8.94 3.08
C LYS A 25 -30.59 -7.51 3.60
N LEU A 26 -29.37 -7.06 3.85
CA LEU A 26 -29.17 -5.71 4.38
C LEU A 26 -29.65 -4.67 3.39
N TRP A 27 -29.27 -4.82 2.12
CA TRP A 27 -29.75 -3.92 1.09
C TRP A 27 -31.28 -3.80 1.17
N ALA A 28 -31.95 -4.94 1.29
CA ALA A 28 -33.41 -4.98 1.33
C ALA A 28 -33.95 -4.36 2.63
N SER A 29 -33.36 -4.73 3.78
CA SER A 29 -33.92 -4.22 5.02
C SER A 29 -33.73 -2.73 5.17
N GLU A 30 -32.81 -2.13 4.40
CA GLU A 30 -32.64 -0.69 4.34
C GLU A 30 -33.48 -0.03 3.24
N GLY A 31 -34.38 -0.77 2.60
CA GLY A 31 -35.27 -0.20 1.60
C GLY A 31 -34.83 -0.38 0.15
N GLY A 32 -33.62 -0.86 -0.10
CA GLY A 32 -33.20 -1.14 -1.46
C GLY A 32 -33.93 -2.34 -2.05
N ILE A 33 -33.77 -2.51 -3.37
CA ILE A 33 -34.37 -3.62 -4.10
C ILE A 33 -33.27 -4.54 -4.61
N PRO A 34 -33.07 -5.70 -3.99
CA PRO A 34 -32.00 -6.60 -4.43
C PRO A 34 -32.44 -7.50 -5.57
N VAL A 35 -31.54 -7.67 -6.54
CA VAL A 35 -31.72 -8.55 -7.67
C VAL A 35 -30.57 -9.54 -7.69
N ILE A 36 -30.87 -10.83 -7.55
CA ILE A 36 -29.87 -11.86 -7.32
C ILE A 36 -29.64 -12.59 -8.64
N PHE A 37 -28.38 -12.62 -9.09
CA PHE A 37 -27.91 -13.48 -10.18
C PHE A 37 -27.06 -14.57 -9.54
N SER A 38 -27.49 -15.83 -9.62
CA SER A 38 -26.72 -16.91 -9.02
C SER A 38 -27.20 -18.23 -9.61
N ARG A 39 -26.47 -19.30 -9.29
CA ARG A 39 -26.75 -20.61 -9.89
C ARG A 39 -28.08 -21.20 -9.43
N SER A 40 -28.47 -20.92 -8.19
CA SER A 40 -29.70 -21.44 -7.63
C SER A 40 -30.01 -20.59 -6.42
N MET A 41 -31.27 -20.63 -5.97
CA MET A 41 -31.71 -19.87 -4.81
C MET A 41 -32.39 -20.82 -3.83
N PRO A 42 -31.82 -21.04 -2.64
CA PRO A 42 -32.51 -21.88 -1.64
C PRO A 42 -33.91 -21.33 -1.36
N LYS A 43 -34.88 -22.24 -1.27
CA LYS A 43 -36.26 -21.83 -1.05
C LYS A 43 -36.40 -20.88 0.14
N GLU A 44 -35.70 -21.18 1.24
CA GLU A 44 -35.83 -20.37 2.45
C GLU A 44 -35.27 -18.96 2.26
N HIS A 45 -34.18 -18.83 1.50
CA HIS A 45 -33.64 -17.50 1.22
C HIS A 45 -34.57 -16.72 0.30
N ASP A 46 -35.22 -17.42 -0.64
CA ASP A 46 -36.18 -16.76 -1.51
C ASP A 46 -37.35 -16.19 -0.72
N LYS A 47 -37.85 -16.95 0.25
CA LYS A 47 -38.94 -16.46 1.10
C LYS A 47 -38.50 -15.27 1.95
N GLU A 48 -37.29 -15.32 2.49
CA GLU A 48 -36.83 -14.23 3.36
C GLU A 48 -36.68 -12.92 2.59
N LEU A 49 -36.08 -12.99 1.40
CA LEU A 49 -35.89 -11.77 0.61
C LEU A 49 -37.22 -11.23 0.11
N LYS A 50 -38.19 -12.10 -0.15
CA LYS A 50 -39.50 -11.64 -0.59
C LYS A 50 -40.22 -10.89 0.53
N LYS A 51 -40.08 -11.34 1.78
CA LYS A 51 -40.64 -10.61 2.90
C LYS A 51 -39.93 -9.27 3.12
N LEU A 52 -38.63 -9.21 2.84
CA LEU A 52 -37.91 -7.95 3.01
C LEU A 52 -38.21 -6.96 1.89
N SER A 53 -38.38 -7.46 0.67
CA SER A 53 -38.57 -6.57 -0.48
C SER A 53 -39.49 -7.26 -1.47
N SER A 54 -40.70 -6.70 -1.66
CA SER A 54 -41.66 -7.32 -2.56
C SER A 54 -41.21 -7.26 -4.02
N GLU A 55 -40.25 -6.41 -4.35
CA GLU A 55 -39.75 -6.25 -5.71
C GLU A 55 -38.50 -7.07 -5.99
N TYR A 56 -37.90 -7.68 -4.98
CA TYR A 56 -36.75 -8.54 -5.17
C TYR A 56 -37.00 -9.57 -6.27
N GLU A 57 -35.96 -9.90 -7.01
CA GLU A 57 -36.02 -10.93 -8.04
C GLU A 57 -34.80 -11.84 -7.98
N PHE A 58 -34.99 -13.08 -8.40
CA PHE A 58 -33.89 -14.02 -8.59
C PHE A 58 -33.80 -14.42 -10.07
N TYR A 59 -32.61 -14.30 -10.64
CA TYR A 59 -32.36 -14.78 -12.00
C TYR A 59 -31.35 -15.92 -11.92
N GLU A 60 -31.77 -17.10 -12.36
CA GLU A 60 -30.92 -18.27 -12.32
C GLU A 60 -29.92 -18.21 -13.48
N ILE A 61 -28.63 -18.29 -13.16
CA ILE A 61 -27.59 -18.28 -14.19
C ILE A 61 -26.27 -18.76 -13.62
N ASP A 62 -25.52 -19.51 -14.42
CA ASP A 62 -24.11 -19.77 -14.15
C ASP A 62 -23.30 -18.75 -14.93
N LEU A 63 -22.62 -17.84 -14.22
CA LEU A 63 -21.94 -16.70 -14.81
C LEU A 63 -20.66 -17.08 -15.57
N LYS A 64 -20.26 -18.36 -15.60
CA LYS A 64 -19.27 -18.75 -16.58
C LYS A 64 -19.81 -18.62 -18.01
N ASN A 65 -21.14 -18.69 -18.16
CA ASN A 65 -21.79 -18.44 -19.45
C ASN A 65 -22.11 -16.95 -19.58
N TYR A 66 -21.04 -16.17 -19.74
CA TYR A 66 -21.15 -14.72 -19.68
C TYR A 66 -21.89 -14.13 -20.87
N GLU A 67 -22.16 -14.94 -21.90
N GLU A 67 -22.17 -14.93 -21.91
CA GLU A 67 -23.00 -14.51 -23.01
CA GLU A 67 -23.01 -14.44 -23.00
C GLU A 67 -24.47 -14.35 -22.60
C GLU A 67 -24.47 -14.33 -22.59
N GLN A 68 -24.90 -14.99 -21.50
CA GLN A 68 -26.27 -14.83 -21.02
C GLN A 68 -26.49 -13.49 -20.31
N ILE A 69 -25.42 -12.75 -20.02
CA ILE A 69 -25.50 -11.64 -19.08
C ILE A 69 -26.21 -10.45 -19.70
N GLU A 70 -25.87 -10.10 -20.94
CA GLU A 70 -26.50 -8.96 -21.61
C GLU A 70 -28.03 -9.07 -21.55
N LYS A 71 -28.57 -10.23 -21.97
CA LYS A 71 -30.01 -10.44 -21.94
C LYS A 71 -30.57 -10.28 -20.53
N LEU A 72 -29.89 -10.80 -19.53
CA LEU A 72 -30.44 -10.77 -18.18
C LEU A 72 -30.41 -9.36 -17.60
N VAL A 73 -29.34 -8.61 -17.87
CA VAL A 73 -29.24 -7.24 -17.36
C VAL A 73 -30.27 -6.35 -18.04
N LYS A 74 -30.55 -6.60 -19.31
CA LYS A 74 -31.57 -5.81 -20.00
C LYS A 74 -32.94 -6.09 -19.39
N LYS A 75 -33.22 -7.35 -19.04
CA LYS A 75 -34.49 -7.68 -18.40
C LYS A 75 -34.65 -6.95 -17.07
N VAL A 76 -33.60 -7.01 -16.23
CA VAL A 76 -33.64 -6.30 -14.95
C VAL A 76 -33.98 -4.83 -15.19
N ALA A 77 -33.29 -4.19 -16.14
CA ALA A 77 -33.47 -2.76 -16.35
C ALA A 77 -34.87 -2.44 -16.88
N ILE A 78 -35.46 -3.35 -17.65
CA ILE A 78 -36.81 -3.11 -18.14
C ILE A 78 -37.83 -3.29 -17.02
N LYS A 79 -37.65 -4.34 -16.19
CA LYS A 79 -38.60 -4.60 -15.10
C LYS A 79 -38.64 -3.46 -14.09
N HIS A 80 -37.48 -3.07 -13.55
CA HIS A 80 -37.43 -2.10 -12.46
C HIS A 80 -37.25 -0.67 -12.94
N GLY A 81 -36.97 -0.44 -14.22
CA GLY A 81 -36.75 0.88 -14.73
C GLY A 81 -35.31 1.35 -14.68
N GLY A 82 -34.46 0.68 -13.92
CA GLY A 82 -33.05 1.03 -13.91
C GLY A 82 -32.25 0.14 -12.99
N ILE A 83 -30.98 0.49 -12.87
CA ILE A 83 -30.02 -0.20 -11.99
C ILE A 83 -29.13 0.86 -11.35
N TYR A 84 -29.15 0.92 -10.02
CA TYR A 84 -28.30 1.86 -9.30
C TYR A 84 -26.92 1.31 -9.00
N ALA A 85 -26.81 0.01 -8.72
CA ALA A 85 -25.55 -0.51 -8.23
C ALA A 85 -25.41 -1.97 -8.63
N LEU A 86 -24.15 -2.40 -8.69
CA LEU A 86 -23.78 -3.78 -8.96
C LEU A 86 -22.79 -4.22 -7.89
N VAL A 87 -23.02 -5.40 -7.33
CA VAL A 87 -22.04 -6.08 -6.49
C VAL A 87 -21.57 -7.31 -7.25
N ASN A 88 -20.32 -7.29 -7.70
CA ASN A 88 -19.68 -8.49 -8.27
C ASN A 88 -19.16 -9.32 -7.12
N ASN A 89 -19.81 -10.44 -6.85
CA ASN A 89 -19.48 -11.22 -5.67
C ASN A 89 -19.32 -12.72 -5.95
N ALA A 90 -19.89 -13.24 -7.03
CA ALA A 90 -19.82 -14.66 -7.29
C ALA A 90 -18.38 -15.10 -7.50
N GLY A 91 -17.98 -16.15 -6.78
CA GLY A 91 -16.62 -16.67 -6.91
C GLY A 91 -16.42 -17.88 -6.03
N THR A 92 -15.31 -18.57 -6.27
CA THR A 92 -14.96 -19.79 -5.55
C THR A 92 -13.45 -19.87 -5.45
N ASN A 93 -12.93 -19.97 -4.23
CA ASN A 93 -11.52 -20.33 -4.06
C ASN A 93 -11.38 -21.81 -4.39
N ASP A 94 -10.90 -22.10 -5.58
CA ASP A 94 -10.84 -23.46 -6.10
C ASP A 94 -9.46 -24.09 -5.92
N ASN A 95 -8.58 -23.46 -5.15
CA ASN A 95 -7.32 -24.05 -4.70
C ASN A 95 -6.56 -24.75 -5.83
N LEU A 96 -6.38 -24.03 -6.93
CA LEU A 96 -5.68 -24.54 -8.09
C LEU A 96 -4.23 -24.07 -8.01
N HIS A 97 -3.32 -25.00 -7.69
CA HIS A 97 -1.91 -24.67 -7.54
C HIS A 97 -1.20 -24.73 -8.89
N ILE A 98 -0.26 -23.81 -9.12
CA ILE A 98 0.38 -23.69 -10.43
C ILE A 98 1.09 -24.99 -10.82
N GLU A 99 1.69 -25.68 -9.84
CA GLU A 99 2.57 -26.80 -10.16
C GLU A 99 1.80 -28.04 -10.60
N ASN A 100 0.48 -28.10 -10.36
CA ASN A 100 -0.29 -29.24 -10.84
C ASN A 100 -1.58 -28.84 -11.59
N THR A 101 -1.75 -27.56 -11.95
CA THR A 101 -2.91 -27.11 -12.70
C THR A 101 -2.50 -26.65 -14.09
N SER A 102 -3.16 -27.19 -15.11
CA SER A 102 -2.87 -26.84 -16.49
C SER A 102 -3.29 -25.39 -16.77
N THR A 103 -2.73 -24.83 -17.85
CA THR A 103 -3.17 -23.50 -18.25
C THR A 103 -4.63 -23.50 -18.69
N GLN A 104 -5.06 -24.58 -19.36
CA GLN A 104 -6.48 -24.73 -19.71
C GLN A 104 -7.38 -24.64 -18.47
N ASP A 105 -6.95 -25.27 -17.37
CA ASP A 105 -7.75 -25.24 -16.15
C ASP A 105 -7.66 -23.90 -15.43
N LEU A 106 -6.55 -23.17 -15.60
CA LEU A 106 -6.49 -21.78 -15.14
C LEU A 106 -7.60 -20.95 -15.81
N ILE A 107 -7.72 -21.06 -17.13
CA ILE A 107 -8.71 -20.28 -17.87
C ILE A 107 -10.14 -20.68 -17.49
N LYS A 108 -10.37 -21.97 -17.19
CA LYS A 108 -11.71 -22.40 -16.75
C LYS A 108 -12.07 -21.79 -15.40
N SER A 109 -11.10 -21.70 -14.48
CA SER A 109 -11.31 -20.99 -13.23
C SER A 109 -11.67 -19.53 -13.49
N TYR A 110 -10.99 -18.89 -14.45
CA TYR A 110 -11.31 -17.48 -14.75
C TYR A 110 -12.71 -17.33 -15.31
N GLU A 111 -13.17 -18.33 -16.07
CA GLU A 111 -14.58 -18.34 -16.47
C GLU A 111 -15.48 -18.36 -15.26
N ASN A 112 -15.17 -19.22 -14.27
CA ASN A 112 -16.00 -19.29 -13.08
C ASN A 112 -15.86 -18.07 -12.19
N ASN A 113 -14.67 -17.46 -12.16
CA ASN A 113 -14.34 -16.49 -11.12
C ASN A 113 -14.14 -15.06 -11.60
N LEU A 114 -13.74 -14.85 -12.84
CA LEU A 114 -13.20 -13.55 -13.23
C LEU A 114 -13.98 -12.87 -14.34
N PHE A 115 -14.20 -13.55 -15.48
CA PHE A 115 -14.67 -12.85 -16.68
C PHE A 115 -16.01 -12.16 -16.45
N HIS A 116 -16.90 -12.75 -15.66
CA HIS A 116 -18.22 -12.14 -15.48
C HIS A 116 -18.18 -10.86 -14.64
N TYR A 117 -17.14 -10.66 -13.81
CA TYR A 117 -16.97 -9.35 -13.18
C TYR A 117 -16.89 -8.26 -14.24
N TYR A 118 -16.19 -8.54 -15.34
CA TYR A 118 -16.08 -7.60 -16.44
C TYR A 118 -17.40 -7.48 -17.19
N THR A 119 -18.01 -8.62 -17.53
CA THR A 119 -19.21 -8.61 -18.36
C THR A 119 -20.39 -7.99 -17.62
N MET A 120 -20.56 -8.38 -16.34
CA MET A 120 -21.62 -7.80 -15.54
C MET A 120 -21.47 -6.30 -15.47
N THR A 121 -20.24 -5.83 -15.21
CA THR A 121 -20.03 -4.38 -15.13
C THR A 121 -20.27 -3.73 -16.48
N LYS A 122 -19.80 -4.36 -17.55
CA LYS A 122 -20.02 -3.83 -18.89
C LYS A 122 -21.50 -3.60 -19.15
N GLU A 123 -22.33 -4.58 -18.87
CA GLU A 123 -23.75 -4.46 -19.22
C GLU A 123 -24.54 -3.60 -18.24
N CYS A 124 -24.08 -3.44 -16.99
CA CYS A 124 -24.77 -2.58 -16.04
C CYS A 124 -24.37 -1.11 -16.16
N LEU A 125 -23.18 -0.83 -16.69
CA LEU A 125 -22.66 0.53 -16.71
C LEU A 125 -23.61 1.56 -17.32
N PRO A 126 -24.26 1.33 -18.49
CA PRO A 126 -25.17 2.37 -19.01
C PRO A 126 -26.24 2.76 -17.99
N TYR A 127 -26.79 1.80 -17.25
CA TYR A 127 -27.81 2.13 -16.26
C TYR A 127 -27.22 2.75 -15.01
N ILE A 128 -26.07 2.26 -14.54
CA ILE A 128 -25.52 2.79 -13.30
C ILE A 128 -24.98 4.20 -13.50
N LYS A 129 -24.37 4.48 -14.67
CA LYS A 129 -24.00 5.85 -15.01
C LYS A 129 -25.22 6.77 -14.99
N LYS A 130 -26.36 6.29 -15.51
CA LYS A 130 -27.58 7.08 -15.53
C LYS A 130 -27.97 7.55 -14.13
N GLU A 131 -27.82 6.68 -13.14
CA GLU A 131 -28.20 6.99 -11.77
C GLU A 131 -27.02 7.44 -10.92
N GLN A 132 -25.85 7.65 -11.53
CA GLN A 132 -24.64 7.98 -10.80
C GLN A 132 -24.48 7.07 -9.59
N GLY A 133 -24.43 5.79 -9.89
CA GLY A 133 -24.46 4.75 -8.88
C GLY A 133 -23.10 4.27 -8.43
N SER A 134 -23.03 2.99 -8.07
CA SER A 134 -21.90 2.41 -7.38
C SER A 134 -21.65 1.01 -7.90
N ILE A 135 -20.39 0.65 -8.06
CA ILE A 135 -19.99 -0.73 -8.33
C ILE A 135 -19.07 -1.20 -7.23
N LEU A 136 -19.32 -2.41 -6.71
CA LEU A 136 -18.54 -2.97 -5.62
C LEU A 136 -18.07 -4.36 -6.02
N ASN A 137 -16.76 -4.57 -6.02
CA ASN A 137 -16.16 -5.86 -6.33
C ASN A 137 -15.74 -6.53 -5.02
N ILE A 138 -16.30 -7.69 -4.74
CA ILE A 138 -15.85 -8.46 -3.58
C ILE A 138 -14.63 -9.25 -4.03
N VAL A 139 -13.47 -8.93 -3.44
CA VAL A 139 -12.23 -9.58 -3.85
C VAL A 139 -11.80 -10.46 -2.69
N SER A 140 -10.50 -10.51 -2.40
CA SER A 140 -10.05 -11.39 -1.32
C SER A 140 -8.66 -10.97 -0.86
N LYS A 141 -8.40 -11.20 0.44
CA LYS A 141 -7.05 -11.00 0.99
C LYS A 141 -6.00 -11.63 0.09
N THR A 142 -6.31 -12.79 -0.48
CA THR A 142 -5.32 -13.61 -1.17
C THR A 142 -4.77 -12.89 -2.39
N GLY A 143 -5.55 -11.98 -3.01
CA GLY A 143 -5.04 -11.18 -4.10
C GLY A 143 -3.96 -10.20 -3.69
N ILE A 144 -3.82 -9.91 -2.41
CA ILE A 144 -2.84 -8.98 -1.88
C ILE A 144 -1.67 -9.72 -1.24
N THR A 145 -1.98 -10.68 -0.39
CA THR A 145 -1.02 -11.42 0.42
C THR A 145 -0.52 -12.70 -0.21
N GLY A 146 -1.20 -13.20 -1.25
CA GLY A 146 -0.96 -14.56 -1.71
C GLY A 146 -1.42 -15.58 -0.69
N GLN A 147 -1.25 -16.86 -1.03
CA GLN A 147 -1.54 -17.90 -0.06
C GLN A 147 -0.56 -19.06 -0.20
N GLY A 148 -0.37 -19.56 -1.42
CA GLY A 148 0.59 -20.62 -1.66
C GLY A 148 0.14 -21.74 -2.60
N ARG A 149 -1.13 -22.12 -2.55
CA ARG A 149 -1.62 -23.20 -3.41
C ARG A 149 -2.89 -22.83 -4.16
N THR A 150 -3.06 -21.56 -4.55
CA THR A 150 -4.32 -21.16 -5.18
C THR A 150 -4.02 -20.06 -6.20
N SER A 151 -3.18 -20.41 -7.19
CA SER A 151 -2.73 -19.46 -8.21
C SER A 151 -3.89 -18.89 -9.03
N ALA A 152 -4.87 -19.74 -9.38
CA ALA A 152 -5.95 -19.25 -10.24
C ALA A 152 -6.86 -18.30 -9.48
N TYR A 153 -7.04 -18.53 -8.18
CA TYR A 153 -7.89 -17.67 -7.37
C TYR A 153 -7.20 -16.37 -6.97
N ALA A 154 -5.89 -16.42 -6.67
CA ALA A 154 -5.18 -15.21 -6.27
C ALA A 154 -5.05 -14.22 -7.43
N SER A 155 -4.70 -14.70 -8.63
CA SER A 155 -4.59 -13.81 -9.78
C SER A 155 -5.93 -13.19 -10.16
N ALA A 156 -7.01 -13.98 -10.10
CA ALA A 156 -8.32 -13.43 -10.46
C ALA A 156 -8.73 -12.32 -9.50
N LYS A 157 -8.53 -12.55 -8.19
CA LYS A 157 -8.89 -11.54 -7.18
C LYS A 157 -8.00 -10.30 -7.31
N ALA A 158 -6.70 -10.50 -7.54
CA ALA A 158 -5.85 -9.36 -7.84
C ALA A 158 -6.30 -8.65 -9.12
N ALA A 159 -6.67 -9.41 -10.17
CA ALA A 159 -7.16 -8.78 -11.39
C ALA A 159 -8.40 -7.93 -11.09
N GLN A 160 -9.28 -8.43 -10.22
CA GLN A 160 -10.46 -7.66 -9.86
C GLN A 160 -10.11 -6.39 -9.11
N MET A 161 -8.98 -6.39 -8.40
CA MET A 161 -8.52 -5.15 -7.79
C MET A 161 -8.06 -4.15 -8.83
N GLY A 162 -7.45 -4.65 -9.92
CA GLY A 162 -7.09 -3.75 -11.01
C GLY A 162 -8.32 -3.18 -11.71
N PHE A 163 -9.30 -4.05 -12.02
CA PHE A 163 -10.58 -3.58 -12.53
C PHE A 163 -11.15 -2.49 -11.62
N THR A 164 -11.02 -2.65 -10.30
CA THR A 164 -11.59 -1.67 -9.38
C THR A 164 -10.99 -0.29 -9.62
N ARG A 165 -9.65 -0.23 -9.72
CA ARG A 165 -8.97 1.05 -9.92
C ARG A 165 -9.17 1.57 -11.34
N GLU A 166 -9.13 0.67 -12.33
CA GLU A 166 -9.35 1.09 -13.71
C GLU A 166 -10.72 1.72 -13.87
N TRP A 167 -11.74 1.06 -13.33
CA TRP A 167 -13.11 1.56 -13.50
C TRP A 167 -13.35 2.82 -12.67
N ALA A 168 -12.74 2.90 -11.48
CA ALA A 168 -12.81 4.14 -10.71
C ALA A 168 -12.25 5.29 -11.55
N CYS A 169 -11.17 5.05 -12.29
CA CYS A 169 -10.63 6.08 -13.17
C CYS A 169 -11.63 6.40 -14.30
N ALA A 170 -12.13 5.36 -14.96
CA ALA A 170 -12.92 5.55 -16.17
C ALA A 170 -14.18 6.37 -15.90
N PHE A 171 -14.78 6.23 -14.72
CA PHE A 171 -16.11 6.73 -14.48
C PHE A 171 -16.20 7.75 -13.36
N ALA A 172 -15.07 8.20 -12.82
CA ALA A 172 -15.07 9.34 -11.92
C ALA A 172 -15.78 10.53 -12.58
N LYS A 173 -15.52 10.73 -13.88
CA LYS A 173 -16.18 11.82 -14.61
C LYS A 173 -17.71 11.68 -14.58
N ASP A 174 -18.22 10.46 -14.39
CA ASP A 174 -19.65 10.18 -14.45
C ASP A 174 -20.28 10.14 -13.08
N ASN A 175 -19.52 10.47 -12.04
CA ASN A 175 -19.95 10.33 -10.64
C ASN A 175 -20.39 8.90 -10.34
N VAL A 176 -19.66 7.93 -10.91
CA VAL A 176 -19.85 6.52 -10.56
C VAL A 176 -18.68 6.11 -9.68
N ARG A 177 -18.98 5.62 -8.48
CA ARG A 177 -17.97 5.11 -7.55
C ARG A 177 -17.74 3.61 -7.75
N VAL A 178 -16.47 3.20 -7.72
CA VAL A 178 -16.07 1.81 -7.88
C VAL A 178 -15.11 1.47 -6.74
N ASN A 179 -15.50 0.50 -5.92
CA ASN A 179 -14.68 0.10 -4.78
C ASN A 179 -14.65 -1.41 -4.69
N ALA A 180 -13.83 -1.92 -3.78
CA ALA A 180 -13.75 -3.35 -3.52
C ALA A 180 -13.73 -3.61 -2.02
N ILE A 181 -14.17 -4.81 -1.66
CA ILE A 181 -14.02 -5.37 -0.32
C ILE A 181 -13.09 -6.57 -0.45
N ALA A 182 -12.03 -6.59 0.37
CA ALA A 182 -11.12 -7.73 0.47
C ALA A 182 -11.35 -8.42 1.81
N PRO A 183 -12.26 -9.39 1.90
CA PRO A 183 -12.38 -10.13 3.16
C PRO A 183 -11.20 -11.06 3.33
N ALA A 184 -10.93 -11.44 4.58
CA ALA A 184 -9.90 -12.46 4.83
C ALA A 184 -10.54 -13.81 5.10
N GLU A 185 -11.11 -13.99 6.30
CA GLU A 185 -11.81 -15.21 6.65
C GLU A 185 -13.20 -14.83 7.16
N VAL A 186 -14.23 -15.31 6.46
CA VAL A 186 -15.63 -14.98 6.76
C VAL A 186 -16.40 -16.28 6.98
N MET A 187 -16.99 -16.44 8.16
CA MET A 187 -17.77 -17.63 8.46
C MET A 187 -19.08 -17.60 7.65
N THR A 188 -19.31 -18.63 6.87
CA THR A 188 -20.53 -18.86 6.13
C THR A 188 -21.03 -20.26 6.45
N PRO A 189 -22.28 -20.58 6.10
CA PRO A 189 -22.72 -21.98 6.20
C PRO A 189 -21.78 -22.92 5.47
N LEU A 190 -21.36 -22.55 4.25
CA LEU A 190 -20.52 -23.44 3.46
C LEU A 190 -19.11 -23.56 4.05
N TYR A 191 -18.56 -22.47 4.61
CA TYR A 191 -17.31 -22.58 5.35
C TYR A 191 -17.46 -23.53 6.53
N GLU A 192 -18.54 -23.35 7.29
CA GLU A 192 -18.83 -24.23 8.42
C GLU A 192 -18.90 -25.69 7.99
N LYS A 193 -19.43 -25.94 6.79
CA LYS A 193 -19.57 -27.32 6.30
C LYS A 193 -18.22 -27.89 5.89
N TRP A 194 -17.39 -27.10 5.20
CA TRP A 194 -16.03 -27.53 4.90
C TRP A 194 -15.27 -27.87 6.17
N LEU A 195 -15.41 -27.04 7.20
CA LEU A 195 -14.79 -27.34 8.48
C LEU A 195 -15.30 -28.67 9.03
N GLN A 196 -16.60 -28.93 8.86
CA GLN A 196 -17.22 -30.12 9.45
C GLN A 196 -16.72 -31.41 8.82
N ASN A 197 -16.18 -31.34 7.60
CA ASN A 197 -15.53 -32.48 6.99
C ASN A 197 -14.30 -32.95 7.76
N PHE A 198 -13.75 -32.11 8.61
CA PHE A 198 -12.48 -32.47 9.25
C PHE A 198 -12.75 -33.41 10.42
N PRO A 199 -11.83 -34.35 10.67
CA PRO A 199 -11.97 -35.21 11.86
C PRO A 199 -12.16 -34.41 13.13
N ASN A 200 -11.41 -33.31 13.27
CA ASN A 200 -11.54 -32.39 14.39
C ASN A 200 -11.95 -31.03 13.83
N PRO A 201 -13.26 -30.76 13.69
CA PRO A 201 -13.69 -29.49 13.09
C PRO A 201 -13.28 -28.28 13.90
N LYS A 202 -13.33 -28.38 15.24
CA LYS A 202 -12.97 -27.25 16.09
C LYS A 202 -11.49 -26.92 15.97
N GLU A 203 -10.62 -27.93 16.07
CA GLU A 203 -9.20 -27.68 15.96
C GLU A 203 -8.87 -27.00 14.64
N GLN A 204 -9.51 -27.43 13.56
CA GLN A 204 -9.24 -26.85 12.25
C GLN A 204 -9.71 -25.40 12.19
N TYR A 205 -10.87 -25.10 12.78
CA TYR A 205 -11.30 -23.71 12.87
C TYR A 205 -10.30 -22.89 13.65
N GLU A 206 -9.89 -23.39 14.82
CA GLU A 206 -8.99 -22.63 15.69
C GLU A 206 -7.63 -22.43 15.03
N LYS A 207 -7.16 -23.43 14.29
CA LYS A 207 -5.93 -23.29 13.51
C LYS A 207 -6.01 -22.08 12.58
N ILE A 208 -7.14 -21.89 11.92
CA ILE A 208 -7.30 -20.73 11.04
C ILE A 208 -7.48 -19.46 11.87
N ALA A 209 -8.41 -19.48 12.83
CA ALA A 209 -8.83 -18.25 13.49
C ALA A 209 -7.72 -17.61 14.34
N LYS A 210 -6.82 -18.42 14.88
CA LYS A 210 -5.75 -17.88 15.74
C LYS A 210 -4.90 -16.84 15.02
N ALA A 211 -4.84 -16.90 13.68
CA ALA A 211 -4.09 -15.95 12.87
C ALA A 211 -4.76 -14.59 12.76
N ILE A 212 -5.98 -14.44 13.27
CA ILE A 212 -6.77 -13.22 13.06
C ILE A 212 -6.63 -12.34 14.30
N PRO A 213 -5.95 -11.20 14.22
CA PRO A 213 -5.68 -10.41 15.44
C PRO A 213 -6.92 -10.01 16.22
N LEU A 214 -7.96 -9.49 15.57
CA LEU A 214 -9.12 -8.97 16.30
C LEU A 214 -10.01 -10.14 16.69
N GLY A 215 -9.76 -10.71 17.87
CA GLY A 215 -10.65 -11.69 18.48
C GLY A 215 -10.35 -13.14 18.21
N HIS A 216 -9.31 -13.47 17.44
CA HIS A 216 -9.06 -14.85 17.00
C HIS A 216 -10.36 -15.52 16.52
N ARG A 217 -11.10 -14.81 15.68
CA ARG A 217 -12.34 -15.34 15.15
C ARG A 217 -12.54 -14.83 13.73
N PHE A 218 -13.41 -15.53 13.01
CA PHE A 218 -13.74 -15.17 11.64
C PHE A 218 -14.59 -13.90 11.61
N THR A 219 -14.43 -13.14 10.54
CA THR A 219 -15.39 -12.07 10.24
C THR A 219 -16.76 -12.67 10.02
N THR A 220 -17.79 -11.97 10.46
CA THR A 220 -19.15 -12.43 10.19
C THR A 220 -19.64 -11.94 8.82
N ILE A 221 -20.72 -12.55 8.36
CA ILE A 221 -21.37 -12.08 7.15
C ILE A 221 -21.91 -10.66 7.34
N GLU A 222 -22.54 -10.40 8.49
CA GLU A 222 -23.08 -9.06 8.76
C GLU A 222 -22.00 -8.00 8.66
N GLU A 223 -20.80 -8.29 9.16
CA GLU A 223 -19.71 -7.33 9.14
C GLU A 223 -19.29 -6.98 7.71
N ILE A 224 -19.22 -7.98 6.83
CA ILE A 224 -18.95 -7.68 5.43
C ILE A 224 -20.10 -6.88 4.85
N ALA A 225 -21.34 -7.24 5.19
CA ALA A 225 -22.52 -6.61 4.60
C ALA A 225 -22.63 -5.14 5.04
N ASN A 226 -22.39 -4.85 6.32
CA ASN A 226 -22.49 -3.47 6.79
C ASN A 226 -21.55 -2.57 6.03
N THR A 227 -20.28 -2.98 5.91
CA THR A 227 -19.34 -2.15 5.18
C THR A 227 -19.68 -2.07 3.70
N ALA A 228 -20.12 -3.18 3.10
CA ALA A 228 -20.49 -3.15 1.69
C ALA A 228 -21.66 -2.19 1.45
N VAL A 229 -22.71 -2.28 2.26
CA VAL A 229 -23.91 -1.49 1.99
C VAL A 229 -23.67 -0.02 2.30
N PHE A 230 -22.94 0.27 3.39
CA PHE A 230 -22.53 1.65 3.62
C PHE A 230 -21.73 2.20 2.44
N THR A 231 -20.76 1.43 1.96
CA THR A 231 -19.91 1.90 0.87
C THR A 231 -20.70 2.09 -0.44
N LEU A 232 -21.70 1.25 -0.70
CA LEU A 232 -22.54 1.42 -1.89
C LEU A 232 -23.41 2.66 -1.81
N SER A 233 -23.83 3.04 -0.60
CA SER A 233 -24.85 4.06 -0.42
C SER A 233 -24.35 5.45 -0.79
N PRO A 234 -25.25 6.40 -1.02
CA PRO A 234 -24.84 7.81 -1.19
C PRO A 234 -24.11 8.40 -0.01
N LEU A 235 -24.07 7.74 1.14
CA LEU A 235 -23.38 8.27 2.30
C LEU A 235 -21.87 8.16 2.17
N ALA A 236 -21.38 7.33 1.25
CA ALA A 236 -19.96 7.28 0.93
C ALA A 236 -19.70 7.95 -0.42
N SER A 237 -20.24 9.16 -0.61
CA SER A 237 -20.27 9.78 -1.95
C SER A 237 -18.93 10.31 -2.42
N HIS A 238 -17.86 10.27 -1.61
CA HIS A 238 -16.54 10.64 -2.13
C HIS A 238 -15.55 9.49 -2.02
N THR A 239 -16.04 8.27 -1.74
CA THR A 239 -15.20 7.06 -1.68
C THR A 239 -15.20 6.36 -3.04
N THR A 240 -14.04 6.27 -3.69
CA THR A 240 -13.89 5.52 -4.94
C THR A 240 -12.45 5.04 -5.07
N GLY A 241 -12.27 3.98 -5.87
CA GLY A 241 -10.98 3.36 -6.03
C GLY A 241 -10.42 2.69 -4.80
N GLN A 242 -11.26 2.43 -3.79
CA GLN A 242 -10.78 1.90 -2.52
C GLN A 242 -10.83 0.37 -2.51
N ILE A 243 -9.80 -0.25 -1.95
CA ILE A 243 -9.83 -1.65 -1.54
C ILE A 243 -9.99 -1.64 -0.02
N LEU A 244 -11.19 -1.96 0.46
CA LEU A 244 -11.49 -1.94 1.88
C LEU A 244 -11.20 -3.29 2.52
N MET A 245 -10.71 -3.25 3.77
CA MET A 245 -10.35 -4.46 4.52
C MET A 245 -11.05 -4.51 5.87
N PRO A 246 -12.30 -4.94 5.93
CA PRO A 246 -12.91 -5.34 7.22
C PRO A 246 -12.55 -6.81 7.49
N ASP A 247 -11.34 -7.02 8.00
CA ASP A 247 -10.71 -8.34 8.02
C ASP A 247 -10.08 -8.67 9.37
N GLY A 248 -10.42 -7.95 10.44
CA GLY A 248 -9.83 -8.24 11.73
C GLY A 248 -8.34 -7.95 11.86
N GLY A 249 -7.78 -7.13 10.98
CA GLY A 249 -6.36 -6.85 11.03
C GLY A 249 -5.49 -7.84 10.29
N TYR A 250 -6.09 -8.73 9.49
CA TYR A 250 -5.37 -9.82 8.84
C TYR A 250 -4.28 -9.32 7.88
N VAL A 251 -4.61 -8.38 6.99
CA VAL A 251 -3.65 -7.96 5.98
C VAL A 251 -2.58 -7.04 6.58
N HIS A 252 -2.93 -6.19 7.54
CA HIS A 252 -2.08 -5.04 7.83
C HIS A 252 -1.25 -5.15 9.09
N LEU A 253 -1.67 -5.93 10.09
CA LEU A 253 -1.01 -5.94 11.39
C LEU A 253 0.13 -6.97 11.43
N ASP A 254 1.11 -6.70 12.29
CA ASP A 254 2.30 -7.54 12.47
C ASP A 254 1.95 -9.02 12.38
N ARG A 255 2.60 -9.73 11.44
CA ARG A 255 2.32 -11.16 11.26
C ARG A 255 2.60 -11.96 12.52
N ALA A 256 3.53 -11.51 13.36
CA ALA A 256 3.91 -12.25 14.57
C ALA A 256 2.97 -12.00 15.75
N LEU A 257 1.91 -11.22 15.57
CA LEU A 257 0.96 -10.98 16.65
C LEU A 257 0.40 -12.30 17.19
N ASN A 258 0.27 -12.38 18.51
CA ASN A 258 -0.29 -13.58 19.15
C ASN A 258 -1.01 -13.26 20.47
N MET B 1 -30.33 2.69 8.89
CA MET B 1 -29.29 1.87 9.50
C MET B 1 -29.05 2.26 10.97
N ASP B 2 -29.11 1.28 11.86
CA ASP B 2 -28.98 1.52 13.30
C ASP B 2 -27.52 1.32 13.69
N LEU B 3 -26.82 2.42 13.98
CA LEU B 3 -25.39 2.38 14.30
C LEU B 3 -25.10 1.88 15.70
N LYS B 4 -26.12 1.76 16.56
CA LYS B 4 -25.95 1.20 17.90
C LYS B 4 -24.95 2.00 18.73
N ILE B 5 -25.08 3.33 18.70
CA ILE B 5 -24.18 4.17 19.47
C ILE B 5 -24.94 5.08 20.42
N LYS B 6 -26.23 4.83 20.64
CA LYS B 6 -27.01 5.70 21.52
C LYS B 6 -26.37 5.75 22.90
N ASN B 7 -26.23 6.97 23.42
CA ASN B 7 -25.66 7.25 24.74
C ASN B 7 -24.22 6.75 24.88
N LYS B 8 -23.53 6.46 23.78
CA LYS B 8 -22.09 6.20 23.86
C LYS B 8 -21.33 7.51 23.89
N VAL B 9 -20.32 7.59 24.74
CA VAL B 9 -19.55 8.81 24.92
C VAL B 9 -18.33 8.76 23.99
N CYS B 10 -18.17 9.79 23.17
CA CYS B 10 -17.01 9.95 22.30
C CYS B 10 -16.37 11.31 22.55
N ILE B 11 -15.09 11.32 22.90
CA ILE B 11 -14.33 12.56 22.97
C ILE B 11 -13.75 12.87 21.59
N ILE B 12 -13.98 14.10 21.12
CA ILE B 12 -13.46 14.57 19.83
C ILE B 12 -12.58 15.78 20.08
N THR B 13 -11.27 15.64 19.85
CA THR B 13 -10.39 16.80 19.96
C THR B 13 -10.46 17.64 18.69
N GLY B 14 -10.35 18.95 18.86
CA GLY B 14 -10.67 19.86 17.78
C GLY B 14 -12.09 19.73 17.31
N GLY B 15 -13.01 19.26 18.18
CA GLY B 15 -14.38 19.04 17.79
C GLY B 15 -15.21 20.29 17.65
N ALA B 16 -14.63 21.48 17.84
CA ALA B 16 -15.42 22.70 17.86
C ALA B 16 -15.61 23.31 16.47
N LYS B 17 -14.79 22.95 15.49
CA LYS B 17 -14.89 23.48 14.13
C LYS B 17 -14.58 22.38 13.13
N GLY B 18 -14.81 22.68 11.86
CA GLY B 18 -14.28 21.87 10.77
C GLY B 18 -14.72 20.42 10.79
N ILE B 19 -13.78 19.54 10.45
CA ILE B 19 -14.05 18.11 10.36
C ILE B 19 -14.52 17.58 11.70
N GLY B 20 -13.81 17.93 12.78
CA GLY B 20 -14.17 17.42 14.09
C GLY B 20 -15.58 17.79 14.50
N TYR B 21 -16.01 19.00 14.13
CA TYR B 21 -17.37 19.44 14.46
C TYR B 21 -18.41 18.67 13.67
N GLY B 22 -18.17 18.45 12.37
CA GLY B 22 -19.05 17.61 11.60
C GLY B 22 -19.16 16.21 12.19
N ILE B 23 -18.06 15.69 12.74
CA ILE B 23 -18.09 14.39 13.38
C ILE B 23 -18.87 14.46 14.69
N ALA B 24 -18.70 15.55 15.43
CA ALA B 24 -19.47 15.69 16.67
C ALA B 24 -20.96 15.78 16.39
N LYS B 25 -21.35 16.52 15.34
CA LYS B 25 -22.78 16.65 15.06
C LYS B 25 -23.39 15.31 14.68
N LEU B 26 -22.70 14.54 13.83
CA LEU B 26 -23.29 13.28 13.39
C LEU B 26 -23.37 12.29 14.54
N TRP B 27 -22.35 12.27 15.41
CA TRP B 27 -22.36 11.39 16.57
C TRP B 27 -23.57 11.66 17.45
N ALA B 28 -23.80 12.94 17.78
CA ALA B 28 -24.98 13.35 18.54
C ALA B 28 -26.26 13.06 17.78
N SER B 29 -26.30 13.42 16.49
CA SER B 29 -27.51 13.20 15.71
C SER B 29 -27.90 11.73 15.66
N GLU B 30 -26.93 10.84 15.76
CA GLU B 30 -27.20 9.40 15.76
C GLU B 30 -27.39 8.84 17.18
N GLY B 31 -27.51 9.72 18.18
CA GLY B 31 -27.82 9.32 19.54
C GLY B 31 -26.64 9.30 20.50
N GLY B 32 -25.41 9.46 20.01
CA GLY B 32 -24.25 9.42 20.87
C GLY B 32 -24.07 10.70 21.64
N ILE B 33 -23.14 10.67 22.59
CA ILE B 33 -22.86 11.84 23.42
C ILE B 33 -21.48 12.37 23.05
N PRO B 34 -21.37 13.55 22.45
CA PRO B 34 -20.05 14.09 22.10
C PRO B 34 -19.48 14.97 23.20
N VAL B 35 -18.19 14.78 23.47
CA VAL B 35 -17.43 15.61 24.39
C VAL B 35 -16.29 16.24 23.60
N ILE B 36 -16.30 17.57 23.52
CA ILE B 36 -15.38 18.34 22.70
C ILE B 36 -14.22 18.86 23.57
N PHE B 37 -12.99 18.52 23.20
CA PHE B 37 -11.79 19.15 23.72
C PHE B 37 -11.26 20.07 22.63
N SER B 38 -11.25 21.38 22.87
CA SER B 38 -10.75 22.29 21.84
C SER B 38 -10.35 23.62 22.49
N ARG B 39 -9.67 24.45 21.70
CA ARG B 39 -9.21 25.74 22.22
C ARG B 39 -10.37 26.64 22.60
N SER B 40 -11.42 26.66 21.77
CA SER B 40 -12.57 27.51 21.98
C SER B 40 -13.76 26.86 21.30
N MET B 41 -14.95 27.25 21.72
CA MET B 41 -16.19 26.73 21.15
C MET B 41 -17.05 27.89 20.70
N PRO B 42 -17.28 28.06 19.40
CA PRO B 42 -18.18 29.12 18.93
C PRO B 42 -19.57 28.99 19.57
N LYS B 43 -20.12 30.15 19.95
CA LYS B 43 -21.42 30.18 20.63
C LYS B 43 -22.48 29.43 19.84
N GLU B 44 -22.55 29.69 18.54
CA GLU B 44 -23.58 29.05 17.73
C GLU B 44 -23.35 27.54 17.63
N HIS B 45 -22.09 27.09 17.70
CA HIS B 45 -21.83 25.65 17.69
C HIS B 45 -22.22 25.00 19.00
N ASP B 46 -21.88 25.65 20.13
CA ASP B 46 -22.33 25.20 21.45
C ASP B 46 -23.84 25.05 21.50
N LYS B 47 -24.56 25.97 20.84
CA LYS B 47 -26.03 25.92 20.82
C LYS B 47 -26.55 24.75 19.97
N GLU B 48 -26.00 24.56 18.78
CA GLU B 48 -26.42 23.44 17.94
C GLU B 48 -26.16 22.11 18.62
N LEU B 49 -24.96 21.93 19.16
CA LEU B 49 -24.61 20.67 19.80
C LEU B 49 -25.48 20.39 21.03
N LYS B 50 -25.75 21.42 21.82
CA LYS B 50 -26.64 21.25 22.98
C LYS B 50 -28.02 20.77 22.54
N LYS B 51 -28.53 21.32 21.44
CA LYS B 51 -29.81 20.85 20.90
C LYS B 51 -29.72 19.41 20.44
N LEU B 52 -28.55 18.96 19.99
CA LEU B 52 -28.43 17.60 19.49
C LEU B 52 -28.23 16.60 20.62
N SER B 53 -27.66 17.04 21.74
CA SER B 53 -27.39 16.14 22.86
C SER B 53 -27.41 16.92 24.16
N SER B 54 -28.34 16.55 25.04
CA SER B 54 -28.44 17.20 26.34
C SER B 54 -27.19 16.99 27.18
N GLU B 55 -26.46 15.90 26.94
CA GLU B 55 -25.30 15.57 27.75
C GLU B 55 -23.98 15.97 27.08
N TYR B 56 -24.02 16.68 25.94
CA TYR B 56 -22.79 17.15 25.30
C TYR B 56 -22.05 18.12 26.20
N GLU B 57 -20.73 18.02 26.22
CA GLU B 57 -19.90 18.95 26.98
C GLU B 57 -18.79 19.54 26.10
N PHE B 58 -18.33 20.73 26.47
CA PHE B 58 -17.15 21.34 25.89
C PHE B 58 -16.12 21.55 26.99
N TYR B 59 -14.87 21.15 26.71
CA TYR B 59 -13.76 21.40 27.62
C TYR B 59 -12.73 22.24 26.88
N GLU B 60 -12.46 23.42 27.42
CA GLU B 60 -11.53 24.34 26.79
C GLU B 60 -10.12 23.91 27.13
N ILE B 61 -9.32 23.62 26.11
CA ILE B 61 -7.93 23.27 26.33
C ILE B 61 -7.16 23.48 25.04
N ASP B 62 -5.93 23.96 25.18
CA ASP B 62 -4.96 23.89 24.11
C ASP B 62 -4.14 22.63 24.36
N LEU B 63 -4.21 21.69 23.42
CA LEU B 63 -3.63 20.36 23.60
C LEU B 63 -2.12 20.33 23.43
N LYS B 64 -1.47 21.46 23.13
CA LYS B 64 -0.03 21.50 23.32
C LYS B 64 0.32 21.37 24.80
N ASN B 65 -0.59 21.76 25.69
CA ASN B 65 -0.41 21.55 27.13
C ASN B 65 -0.90 20.16 27.53
N TYR B 66 -0.20 19.14 27.04
CA TYR B 66 -0.67 17.77 27.16
C TYR B 66 -0.75 17.30 28.61
N GLU B 67 -0.06 17.99 29.52
N GLU B 67 -0.07 17.98 29.53
CA GLU B 67 -0.13 17.68 30.95
CA GLU B 67 -0.15 17.66 30.95
C GLU B 67 -1.51 17.96 31.54
C GLU B 67 -1.55 17.90 31.51
N GLN B 68 -2.37 18.71 30.83
CA GLN B 68 -3.73 18.95 31.29
C GLN B 68 -4.67 17.80 30.95
N ILE B 69 -4.26 16.89 30.05
CA ILE B 69 -5.20 15.94 29.48
C ILE B 69 -5.67 14.92 30.53
N GLU B 70 -4.77 14.47 31.42
CA GLU B 70 -5.15 13.46 32.40
C GLU B 70 -6.33 13.94 33.25
N LYS B 71 -6.25 15.16 33.78
CA LYS B 71 -7.34 15.69 34.59
C LYS B 71 -8.62 15.87 33.78
N LEU B 72 -8.51 16.33 32.54
CA LEU B 72 -9.71 16.53 31.73
C LEU B 72 -10.37 15.20 31.39
N VAL B 73 -9.59 14.20 30.99
CA VAL B 73 -10.17 12.89 30.68
C VAL B 73 -10.82 12.30 31.93
N LYS B 74 -10.22 12.53 33.10
CA LYS B 74 -10.77 11.96 34.34
C LYS B 74 -12.13 12.56 34.66
N LYS B 75 -12.28 13.88 34.49
CA LYS B 75 -13.57 14.50 34.76
C LYS B 75 -14.64 14.00 33.79
N VAL B 76 -14.29 13.83 32.50
CA VAL B 76 -15.25 13.26 31.54
C VAL B 76 -15.73 11.89 32.02
N ALA B 77 -14.79 11.05 32.46
CA ALA B 77 -15.14 9.69 32.87
C ALA B 77 -16.04 9.68 34.09
N ILE B 78 -15.71 10.49 35.10
CA ILE B 78 -16.56 10.58 36.29
C ILE B 78 -17.94 11.13 35.92
N LYS B 79 -17.99 12.17 35.08
CA LYS B 79 -19.27 12.80 34.77
C LYS B 79 -20.22 11.84 34.06
N HIS B 80 -19.72 11.13 33.04
CA HIS B 80 -20.56 10.30 32.18
C HIS B 80 -20.52 8.82 32.52
N GLY B 81 -19.65 8.39 33.43
CA GLY B 81 -19.52 6.99 33.75
C GLY B 81 -18.60 6.19 32.84
N GLY B 82 -18.07 6.78 31.78
CA GLY B 82 -17.18 6.04 30.91
C GLY B 82 -16.92 6.76 29.61
N ILE B 83 -16.12 6.12 28.77
CA ILE B 83 -15.74 6.66 27.47
C ILE B 83 -15.72 5.49 26.48
N TYR B 84 -16.50 5.59 25.41
CA TYR B 84 -16.54 4.53 24.43
C TYR B 84 -15.53 4.74 23.33
N ALA B 85 -15.36 5.99 22.89
CA ALA B 85 -14.57 6.28 21.71
C ALA B 85 -13.82 7.59 21.88
N LEU B 86 -12.71 7.69 21.16
CA LEU B 86 -11.87 8.88 21.05
C LEU B 86 -11.63 9.18 19.58
N VAL B 87 -11.90 10.43 19.16
CA VAL B 87 -11.47 10.93 17.86
C VAL B 87 -10.33 11.91 18.09
N ASN B 88 -9.11 11.52 17.72
CA ASN B 88 -7.97 12.44 17.68
C ASN B 88 -8.05 13.24 16.39
N ASN B 89 -8.38 14.52 16.48
CA ASN B 89 -8.63 15.25 15.26
C ASN B 89 -7.91 16.60 15.22
N ALA B 90 -7.64 17.19 16.40
CA ALA B 90 -7.07 18.54 16.44
C ALA B 90 -5.71 18.60 15.74
N GLY B 91 -5.56 19.57 14.85
CA GLY B 91 -4.31 19.69 14.09
C GLY B 91 -4.41 20.80 13.07
N THR B 92 -3.23 21.20 12.57
CA THR B 92 -3.11 22.33 11.67
C THR B 92 -1.99 22.07 10.69
N ASN B 93 -2.25 22.22 9.40
CA ASN B 93 -1.16 22.23 8.42
C ASN B 93 -0.48 23.59 8.53
N ASP B 94 0.68 23.63 9.17
CA ASP B 94 1.41 24.87 9.38
C ASP B 94 2.43 25.14 8.29
N ASN B 95 2.52 24.30 7.27
CA ASN B 95 3.36 24.56 6.10
C ASN B 95 4.78 24.94 6.50
N LEU B 96 5.39 24.11 7.33
CA LEU B 96 6.73 24.34 7.84
C LEU B 96 7.67 23.54 6.95
N HIS B 97 8.36 24.23 6.05
CA HIS B 97 9.28 23.58 5.12
C HIS B 97 10.64 23.37 5.78
N ILE B 98 11.27 22.24 5.47
CA ILE B 98 12.51 21.86 6.16
C ILE B 98 13.62 22.88 5.93
N GLU B 99 13.68 23.45 4.72
CA GLU B 99 14.81 24.31 4.39
C GLU B 99 14.79 25.64 5.13
N ASN B 100 13.64 26.08 5.65
CA ASN B 100 13.68 27.29 6.46
C ASN B 100 12.91 27.15 7.77
N THR B 101 12.82 25.94 8.32
CA THR B 101 12.23 25.77 9.63
C THR B 101 13.25 25.10 10.54
N SER B 102 13.44 25.67 11.73
CA SER B 102 14.40 25.11 12.66
C SER B 102 13.87 23.81 13.24
N THR B 103 14.79 23.01 13.78
CA THR B 103 14.37 21.81 14.49
C THR B 103 13.49 22.16 15.69
N GLN B 104 13.82 23.26 16.38
CA GLN B 104 13.01 23.72 17.51
C GLN B 104 11.57 23.99 17.11
N ASP B 105 11.37 24.69 15.99
CA ASP B 105 10.03 24.97 15.51
C ASP B 105 9.34 23.71 14.96
N LEU B 106 10.10 22.71 14.53
CA LEU B 106 9.49 21.41 14.23
C LEU B 106 8.89 20.81 15.48
N ILE B 107 9.63 20.85 16.59
CA ILE B 107 9.15 20.29 17.84
C ILE B 107 7.91 21.03 18.34
N LYS B 108 7.88 22.36 18.19
CA LYS B 108 6.66 23.09 18.57
C LYS B 108 5.48 22.67 17.72
N SER B 109 5.71 22.39 16.44
CA SER B 109 4.64 21.88 15.58
C SER B 109 4.11 20.56 16.13
N TYR B 110 5.01 19.68 16.58
CA TYR B 110 4.59 18.39 17.12
C TYR B 110 3.79 18.57 18.40
N GLU B 111 4.15 19.56 19.23
CA GLU B 111 3.34 19.84 20.42
C GLU B 111 1.90 20.18 20.03
N ASN B 112 1.73 20.98 18.97
CA ASN B 112 0.40 21.37 18.50
C ASN B 112 -0.33 20.26 17.75
N ASN B 113 0.41 19.44 17.01
CA ASN B 113 -0.23 18.51 16.08
C ASN B 113 -0.11 17.05 16.48
N LEU B 114 0.87 16.66 17.29
CA LEU B 114 1.24 15.25 17.39
C LEU B 114 1.16 14.70 18.80
N PHE B 115 1.81 15.34 19.78
CA PHE B 115 1.99 14.69 21.08
C PHE B 115 0.66 14.34 21.75
N HIS B 116 -0.37 15.17 21.56
CA HIS B 116 -1.64 14.93 22.23
C HIS B 116 -2.45 13.79 21.62
N TYR B 117 -2.17 13.37 20.38
CA TYR B 117 -2.74 12.11 19.92
C TYR B 117 -2.31 10.98 20.84
N TYR B 118 -1.04 10.98 21.25
CA TYR B 118 -0.52 9.97 22.16
C TYR B 118 -1.13 10.12 23.56
N THR B 119 -1.07 11.34 24.10
CA THR B 119 -1.52 11.55 25.47
C THR B 119 -3.02 11.32 25.61
N MET B 120 -3.81 11.81 24.64
CA MET B 120 -5.26 11.58 24.68
C MET B 120 -5.55 10.09 24.70
N THR B 121 -4.92 9.35 23.78
CA THR B 121 -5.13 7.91 23.72
C THR B 121 -4.71 7.24 25.02
N LYS B 122 -3.53 7.62 25.52
CA LYS B 122 -3.04 7.09 26.79
C LYS B 122 -4.08 7.23 27.89
N GLU B 123 -4.63 8.42 28.08
CA GLU B 123 -5.54 8.61 29.20
C GLU B 123 -6.93 8.06 28.94
N CYS B 124 -7.36 7.94 27.68
CA CYS B 124 -8.67 7.37 27.39
C CYS B 124 -8.65 5.84 27.41
N LEU B 125 -7.48 5.22 27.16
CA LEU B 125 -7.41 3.77 26.98
C LEU B 125 -8.06 2.98 28.11
N PRO B 126 -7.82 3.26 29.40
CA PRO B 126 -8.46 2.42 30.45
C PRO B 126 -9.97 2.37 30.32
N TYR B 127 -10.61 3.49 29.96
CA TYR B 127 -12.05 3.53 29.78
C TYR B 127 -12.51 2.90 28.47
N ILE B 128 -11.77 3.12 27.38
CA ILE B 128 -12.21 2.56 26.11
C ILE B 128 -12.04 1.04 26.13
N LYS B 129 -11.01 0.54 26.83
CA LYS B 129 -10.84 -0.89 26.94
C LYS B 129 -11.98 -1.53 27.73
N LYS B 130 -12.49 -0.83 28.75
CA LYS B 130 -13.59 -1.38 29.53
C LYS B 130 -14.84 -1.53 28.68
N GLU B 131 -15.07 -0.60 27.75
CA GLU B 131 -16.23 -0.64 26.88
C GLU B 131 -15.94 -1.25 25.50
N GLN B 132 -14.78 -1.89 25.33
CA GLN B 132 -14.38 -2.50 24.06
C GLN B 132 -14.69 -1.57 22.88
N GLY B 133 -14.15 -0.36 22.99
CA GLY B 133 -14.55 0.75 22.18
C GLY B 133 -13.66 0.97 20.97
N SER B 134 -13.52 2.24 20.59
CA SER B 134 -12.99 2.58 19.29
C SER B 134 -12.14 3.84 19.39
N ILE B 135 -11.01 3.81 18.70
CA ILE B 135 -10.17 5.00 18.55
C ILE B 135 -10.02 5.29 17.07
N LEU B 136 -10.19 6.56 16.71
CA LEU B 136 -10.06 7.02 15.33
C LEU B 136 -9.09 8.20 15.26
N ASN B 137 -8.09 8.08 14.40
CA ASN B 137 -7.11 9.14 14.18
C ASN B 137 -7.42 9.81 12.84
N ILE B 138 -7.64 11.12 12.85
CA ILE B 138 -7.80 11.89 11.62
C ILE B 138 -6.39 12.28 11.19
N VAL B 139 -5.94 11.73 10.06
CA VAL B 139 -4.59 12.01 9.60
C VAL B 139 -4.74 12.80 8.31
N SER B 140 -3.88 12.55 7.32
CA SER B 140 -3.92 13.35 6.11
C SER B 140 -3.26 12.58 4.97
N LYS B 141 -3.73 12.88 3.75
CA LYS B 141 -3.08 12.36 2.54
C LYS B 141 -1.59 12.67 2.54
N THR B 142 -1.21 13.80 3.14
CA THR B 142 0.17 14.27 3.04
C THR B 142 1.12 13.35 3.76
N GLY B 143 0.65 12.64 4.79
CA GLY B 143 1.42 11.61 5.45
C GLY B 143 1.79 10.46 4.54
N ILE B 144 1.05 10.26 3.46
CA ILE B 144 1.26 9.15 2.52
C ILE B 144 1.96 9.62 1.25
N THR B 145 1.48 10.72 0.68
CA THR B 145 1.94 11.20 -0.62
C THR B 145 2.97 12.32 -0.50
N GLY B 146 3.14 12.89 0.67
CA GLY B 146 3.93 14.10 0.80
C GLY B 146 3.22 15.27 0.15
N GLN B 147 3.84 16.45 0.28
N GLN B 147 3.81 16.46 0.32
CA GLN B 147 3.36 17.62 -0.45
CA GLN B 147 3.35 17.66 -0.37
C GLN B 147 4.53 18.44 -0.98
C GLN B 147 4.54 18.40 -0.97
N GLY B 148 5.54 18.69 -0.15
CA GLY B 148 6.73 19.40 -0.62
C GLY B 148 7.18 20.59 0.20
N ARG B 149 6.26 21.26 0.89
CA ARG B 149 6.59 22.45 1.66
C ARG B 149 6.02 22.36 3.08
N THR B 150 5.87 21.15 3.62
CA THR B 150 5.22 21.05 4.92
C THR B 150 5.78 19.81 5.65
N SER B 151 7.06 19.89 5.99
CA SER B 151 7.77 18.76 6.61
C SER B 151 7.17 18.39 7.95
N ALA B 152 6.84 19.39 8.78
CA ALA B 152 6.35 19.12 10.13
C ALA B 152 5.00 18.42 10.11
N TYR B 153 4.10 18.87 9.23
CA TYR B 153 2.74 18.33 9.20
C TYR B 153 2.70 16.94 8.56
N ALA B 154 3.55 16.71 7.55
CA ALA B 154 3.57 15.41 6.86
C ALA B 154 4.10 14.32 7.79
N SER B 155 5.19 14.59 8.50
CA SER B 155 5.74 13.58 9.41
C SER B 155 4.82 13.34 10.60
N ALA B 156 4.16 14.40 11.10
CA ALA B 156 3.22 14.21 12.20
C ALA B 156 2.05 13.33 11.76
N LYS B 157 1.51 13.59 10.57
CA LYS B 157 0.40 12.79 10.08
C LYS B 157 0.82 11.35 9.79
N ALA B 158 2.03 11.16 9.26
CA ALA B 158 2.55 9.81 9.09
C ALA B 158 2.79 9.13 10.45
N ALA B 159 3.33 9.87 11.43
CA ALA B 159 3.48 9.33 12.78
C ALA B 159 2.17 8.78 13.31
N GLN B 160 1.07 9.51 13.06
CA GLN B 160 -0.25 9.09 13.54
C GLN B 160 -0.73 7.82 12.82
N MET B 161 -0.28 7.58 11.59
CA MET B 161 -0.58 6.31 10.94
C MET B 161 0.15 5.17 11.62
N GLY B 162 1.40 5.40 12.02
CA GLY B 162 2.12 4.39 12.79
C GLY B 162 1.45 4.11 14.13
N PHE B 163 1.02 5.18 14.83
CA PHE B 163 0.22 5.02 16.05
C PHE B 163 -1.02 4.16 15.77
N THR B 164 -1.68 4.39 14.63
CA THR B 164 -2.88 3.64 14.30
C THR B 164 -2.59 2.15 14.20
N ARG B 165 -1.55 1.78 13.45
CA ARG B 165 -1.21 0.37 13.32
C ARG B 165 -0.67 -0.19 14.63
N GLU B 166 0.14 0.57 15.35
CA GLU B 166 0.72 0.07 16.59
C GLU B 166 -0.35 -0.17 17.64
N TRP B 167 -1.28 0.78 17.79
CA TRP B 167 -2.31 0.62 18.80
C TRP B 167 -3.33 -0.44 18.39
N ALA B 168 -3.59 -0.59 17.08
CA ALA B 168 -4.45 -1.69 16.65
C ALA B 168 -3.84 -3.03 17.03
N CYS B 169 -2.53 -3.19 16.87
CA CYS B 169 -1.83 -4.37 17.37
C CYS B 169 -1.96 -4.50 18.87
N ALA B 170 -1.75 -3.40 19.60
CA ALA B 170 -1.66 -3.47 21.05
C ALA B 170 -2.97 -3.94 21.68
N PHE B 171 -4.11 -3.52 21.12
CA PHE B 171 -5.39 -3.68 21.81
C PHE B 171 -6.39 -4.55 21.06
N ALA B 172 -5.96 -5.26 20.01
CA ALA B 172 -6.82 -6.24 19.37
C ALA B 172 -7.29 -7.30 20.38
N LYS B 173 -6.39 -7.73 21.25
CA LYS B 173 -6.74 -8.71 22.27
C LYS B 173 -7.77 -8.16 23.24
N ASP B 174 -7.86 -6.83 23.38
CA ASP B 174 -8.87 -6.21 24.22
C ASP B 174 -10.15 -5.89 23.49
N ASN B 175 -10.25 -6.29 22.23
CA ASN B 175 -11.35 -5.90 21.37
C ASN B 175 -11.54 -4.39 21.37
N VAL B 176 -10.44 -3.66 21.25
CA VAL B 176 -10.47 -2.23 20.96
C VAL B 176 -10.00 -2.04 19.53
N ARG B 177 -10.83 -1.41 18.71
CA ARG B 177 -10.49 -1.15 17.31
C ARG B 177 -9.84 0.22 17.20
N VAL B 178 -8.78 0.29 16.39
CA VAL B 178 -8.08 1.55 16.13
C VAL B 178 -7.94 1.72 14.62
N ASN B 179 -8.41 2.86 14.11
CA ASN B 179 -8.36 3.15 12.68
C ASN B 179 -7.99 4.61 12.49
N ALA B 180 -7.86 5.00 11.21
CA ALA B 180 -7.55 6.36 10.82
C ALA B 180 -8.30 6.72 9.55
N ILE B 181 -8.61 8.00 9.40
CA ILE B 181 -9.15 8.55 8.15
C ILE B 181 -8.15 9.57 7.61
N ALA B 182 -7.79 9.41 6.34
CA ALA B 182 -6.85 10.29 5.66
C ALA B 182 -7.61 11.11 4.62
N PRO B 183 -8.11 12.30 4.96
CA PRO B 183 -8.74 13.13 3.96
C PRO B 183 -7.70 13.74 3.02
N ALA B 184 -8.17 14.16 1.85
CA ALA B 184 -7.32 14.89 0.94
C ALA B 184 -7.62 16.39 1.05
N GLU B 185 -8.65 16.87 0.33
CA GLU B 185 -9.09 18.26 0.42
C GLU B 185 -10.53 18.28 0.91
N VAL B 186 -10.76 18.91 2.05
CA VAL B 186 -12.08 18.95 2.68
C VAL B 186 -12.48 20.41 2.85
N MET B 187 -13.62 20.79 2.26
CA MET B 187 -14.11 22.16 2.36
C MET B 187 -14.61 22.44 3.78
N THR B 188 -13.96 23.38 4.45
CA THR B 188 -14.36 23.84 5.77
C THR B 188 -14.60 25.35 5.70
N PRO B 189 -15.25 25.94 6.70
CA PRO B 189 -15.28 27.42 6.77
C PRO B 189 -13.89 28.04 6.73
N LEU B 190 -12.91 27.47 7.44
CA LEU B 190 -11.56 28.03 7.40
C LEU B 190 -10.92 27.85 6.03
N TYR B 191 -11.20 26.74 5.34
CA TYR B 191 -10.71 26.59 3.98
C TYR B 191 -11.33 27.65 3.07
N GLU B 192 -12.64 27.84 3.18
CA GLU B 192 -13.31 28.84 2.36
C GLU B 192 -12.76 30.24 2.63
N LYS B 193 -12.47 30.55 3.90
CA LYS B 193 -11.93 31.87 4.23
C LYS B 193 -10.50 32.00 3.73
N TRP B 194 -9.73 30.92 3.77
CA TRP B 194 -8.40 30.92 3.17
C TRP B 194 -8.48 31.19 1.66
N LEU B 195 -9.47 30.60 0.98
CA LEU B 195 -9.59 30.78 -0.46
C LEU B 195 -10.03 32.20 -0.80
N GLN B 196 -10.90 32.80 0.01
CA GLN B 196 -11.39 34.15 -0.22
C GLN B 196 -10.31 35.22 -0.09
N ASN B 197 -9.14 34.89 0.44
CA ASN B 197 -8.04 35.84 0.47
C ASN B 197 -7.29 35.96 -0.85
N PHE B 198 -7.50 35.05 -1.78
CA PHE B 198 -6.78 35.06 -3.05
C PHE B 198 -7.33 36.14 -3.98
N PRO B 199 -6.51 36.64 -4.91
CA PRO B 199 -7.04 37.52 -5.97
C PRO B 199 -8.30 36.97 -6.62
N ASN B 200 -8.33 35.66 -6.86
CA ASN B 200 -9.44 35.03 -7.57
C ASN B 200 -9.75 33.74 -6.84
N PRO B 201 -10.64 33.80 -5.84
CA PRO B 201 -10.89 32.61 -5.03
C PRO B 201 -11.42 31.45 -5.84
N LYS B 202 -12.30 31.73 -6.81
CA LYS B 202 -12.85 30.65 -7.63
C LYS B 202 -11.76 29.94 -8.41
N GLU B 203 -10.87 30.71 -9.04
CA GLU B 203 -9.81 30.12 -9.85
C GLU B 203 -8.81 29.35 -8.99
N GLN B 204 -8.57 29.81 -7.76
CA GLN B 204 -7.69 29.05 -6.87
C GLN B 204 -8.37 27.77 -6.40
N TYR B 205 -9.68 27.84 -6.16
CA TYR B 205 -10.40 26.63 -5.80
C TYR B 205 -10.30 25.61 -6.91
N GLU B 206 -10.58 26.04 -8.14
CA GLU B 206 -10.54 25.15 -9.28
C GLU B 206 -9.14 24.63 -9.56
N LYS B 207 -8.10 25.42 -9.25
CA LYS B 207 -6.73 24.90 -9.39
C LYS B 207 -6.51 23.70 -8.50
N ILE B 208 -6.97 23.77 -7.25
CA ILE B 208 -6.81 22.65 -6.32
C ILE B 208 -7.76 21.52 -6.70
N ALA B 209 -9.04 21.85 -6.90
CA ALA B 209 -10.08 20.85 -7.12
C ALA B 209 -9.96 20.09 -8.44
N LYS B 210 -9.31 20.69 -9.45
CA LYS B 210 -9.17 20.00 -10.73
C LYS B 210 -8.48 18.65 -10.57
N ALA B 211 -7.60 18.54 -9.57
CA ALA B 211 -6.81 17.34 -9.33
C ALA B 211 -7.57 16.27 -8.56
N ILE B 212 -8.84 16.50 -8.24
CA ILE B 212 -9.61 15.55 -7.46
C ILE B 212 -10.50 14.78 -8.43
N PRO B 213 -10.22 13.50 -8.70
CA PRO B 213 -10.90 12.80 -9.81
C PRO B 213 -12.43 12.75 -9.69
N LEU B 214 -12.97 12.52 -8.50
CA LEU B 214 -14.41 12.33 -8.36
C LEU B 214 -15.10 13.69 -8.26
N GLY B 215 -15.50 14.24 -9.41
CA GLY B 215 -16.29 15.44 -9.44
C GLY B 215 -15.53 16.75 -9.39
N HIS B 216 -14.20 16.73 -9.48
CA HIS B 216 -13.37 17.94 -9.38
C HIS B 216 -13.84 18.86 -8.25
N ARG B 217 -14.08 18.28 -7.09
CA ARG B 217 -14.64 19.07 -6.01
C ARG B 217 -14.10 18.54 -4.69
N PHE B 218 -14.07 19.43 -3.69
CA PHE B 218 -13.57 19.05 -2.38
C PHE B 218 -14.48 17.99 -1.78
N THR B 219 -13.90 17.16 -0.91
CA THR B 219 -14.72 16.33 -0.04
C THR B 219 -15.52 17.23 0.90
N THR B 220 -16.72 16.81 1.27
CA THR B 220 -17.47 17.57 2.25
C THR B 220 -17.18 17.07 3.66
N ILE B 221 -17.49 17.93 4.64
CA ILE B 221 -17.39 17.55 6.05
C ILE B 221 -18.30 16.37 6.36
N GLU B 222 -19.53 16.40 5.82
CA GLU B 222 -20.46 15.28 6.00
C GLU B 222 -19.87 13.98 5.48
N GLU B 223 -19.21 14.03 4.32
CA GLU B 223 -18.63 12.81 3.77
C GLU B 223 -17.58 12.22 4.71
N ILE B 224 -16.72 13.07 5.28
CA ILE B 224 -15.75 12.59 6.26
C ILE B 224 -16.46 12.04 7.48
N ALA B 225 -17.43 12.81 8.01
CA ALA B 225 -18.12 12.41 9.25
C ALA B 225 -18.83 11.08 9.10
N ASN B 226 -19.51 10.86 7.96
CA ASN B 226 -20.23 9.60 7.74
C ASN B 226 -19.30 8.41 7.86
N THR B 227 -18.18 8.42 7.12
CA THR B 227 -17.22 7.33 7.22
C THR B 227 -16.62 7.26 8.62
N ALA B 228 -16.42 8.40 9.27
CA ALA B 228 -15.91 8.40 10.64
C ALA B 228 -16.85 7.65 11.58
N VAL B 229 -18.12 8.06 11.63
CA VAL B 229 -19.02 7.55 12.66
C VAL B 229 -19.38 6.09 12.38
N PHE B 230 -19.54 5.74 11.10
CA PHE B 230 -19.72 4.32 10.78
C PHE B 230 -18.54 3.49 11.26
N THR B 231 -17.31 3.95 10.98
CA THR B 231 -16.13 3.19 11.40
C THR B 231 -16.04 3.08 12.92
N LEU B 232 -16.45 4.13 13.64
CA LEU B 232 -16.44 4.09 15.11
C LEU B 232 -17.48 3.11 15.65
N SER B 233 -18.61 2.98 14.96
CA SER B 233 -19.76 2.30 15.49
C SER B 233 -19.49 0.79 15.61
N PRO B 234 -20.26 0.10 16.44
CA PRO B 234 -20.18 -1.37 16.45
C PRO B 234 -20.48 -2.03 15.10
N LEU B 235 -20.96 -1.28 14.10
CA LEU B 235 -21.22 -1.91 12.81
C LEU B 235 -19.96 -2.18 12.02
N ALA B 236 -18.84 -1.55 12.39
CA ALA B 236 -17.53 -1.87 11.80
C ALA B 236 -16.70 -2.70 12.78
N SER B 237 -17.32 -3.74 13.35
CA SER B 237 -16.76 -4.46 14.49
C SER B 237 -15.59 -5.38 14.13
N HIS B 238 -15.25 -5.54 12.85
CA HIS B 238 -14.03 -6.28 12.56
C HIS B 238 -13.03 -5.42 11.79
N THR B 239 -13.23 -4.10 11.78
CA THR B 239 -12.36 -3.15 11.10
C THR B 239 -11.37 -2.54 12.09
N THR B 240 -10.07 -2.79 11.89
CA THR B 240 -9.03 -2.23 12.74
C THR B 240 -7.74 -2.18 11.94
N GLY B 241 -6.86 -1.25 12.33
CA GLY B 241 -5.64 -1.00 11.59
C GLY B 241 -5.83 -0.31 10.26
N GLN B 242 -7.04 0.14 9.94
CA GLN B 242 -7.29 0.67 8.61
C GLN B 242 -6.96 2.16 8.54
N ILE B 243 -6.29 2.55 7.47
CA ILE B 243 -6.15 3.94 7.05
C ILE B 243 -7.15 4.15 5.92
N LEU B 244 -8.26 4.83 6.23
CA LEU B 244 -9.36 4.95 5.30
C LEU B 244 -9.25 6.24 4.50
N MET B 245 -9.60 6.17 3.23
CA MET B 245 -9.49 7.34 2.35
C MET B 245 -10.80 7.63 1.63
N PRO B 246 -11.70 8.40 2.26
CA PRO B 246 -12.80 9.01 1.50
C PRO B 246 -12.28 10.32 0.94
N ASP B 247 -11.67 10.25 -0.25
CA ASP B 247 -10.86 11.36 -0.74
C ASP B 247 -11.06 11.67 -2.22
N GLY B 248 -12.10 11.12 -2.86
CA GLY B 248 -12.35 11.41 -4.26
C GLY B 248 -11.39 10.73 -5.23
N GLY B 249 -10.66 9.71 -4.78
CA GLY B 249 -9.65 9.08 -5.62
C GLY B 249 -8.30 9.76 -5.57
N TYR B 250 -8.10 10.69 -4.65
CA TYR B 250 -6.89 11.53 -4.64
C TYR B 250 -5.62 10.69 -4.50
N VAL B 251 -5.60 9.77 -3.54
CA VAL B 251 -4.35 9.06 -3.27
C VAL B 251 -4.09 7.96 -4.29
N HIS B 252 -5.12 7.25 -4.73
CA HIS B 252 -4.88 5.96 -5.39
C HIS B 252 -5.02 6.00 -6.90
N LEU B 253 -5.68 6.99 -7.47
CA LEU B 253 -5.98 6.96 -8.89
C LEU B 253 -4.89 7.64 -9.70
N ASP B 254 -4.72 7.20 -10.95
CA ASP B 254 -3.68 7.69 -11.85
C ASP B 254 -3.53 9.21 -11.79
N ARG B 255 -2.31 9.66 -11.46
CA ARG B 255 -2.04 11.10 -11.32
C ARG B 255 -2.36 11.88 -12.59
N ALA B 256 -2.29 11.23 -13.75
CA ALA B 256 -2.55 11.88 -15.03
C ALA B 256 -4.04 11.99 -15.36
N LEU B 257 -4.91 11.42 -14.53
CA LEU B 257 -6.35 11.42 -14.80
C LEU B 257 -6.86 12.82 -15.14
N ASN B 258 -7.57 12.90 -16.27
CA ASN B 258 -7.92 14.18 -16.88
C ASN B 258 -9.29 14.05 -17.53
N TRP B 259 -10.25 14.85 -17.09
CA TRP B 259 -11.52 14.99 -17.78
C TRP B 259 -12.00 16.43 -17.69
N ASP B 260 -12.71 16.87 -18.73
CA ASP B 260 -13.26 18.23 -18.76
C ASP B 260 -14.67 18.27 -18.17
N MET C 1 28.96 -4.86 -11.90
CA MET C 1 28.09 -3.71 -11.94
C MET C 1 28.76 -2.49 -11.29
N ASP C 2 29.08 -1.50 -12.12
CA ASP C 2 29.73 -0.27 -11.71
C ASP C 2 28.69 0.68 -11.11
N LEU C 3 28.75 0.89 -9.79
CA LEU C 3 27.75 1.73 -9.13
C LEU C 3 27.94 3.22 -9.39
N LYS C 4 29.11 3.63 -9.90
CA LYS C 4 29.37 5.04 -10.21
C LYS C 4 29.34 5.89 -8.94
N ILE C 5 29.91 5.37 -7.85
CA ILE C 5 29.96 6.11 -6.59
C ILE C 5 31.39 6.36 -6.13
N LYS C 6 32.38 6.17 -7.00
CA LYS C 6 33.77 6.38 -6.64
C LYS C 6 33.99 7.81 -6.14
N ASN C 7 34.59 7.93 -4.96
CA ASN C 7 34.90 9.21 -4.30
C ASN C 7 33.65 10.03 -3.93
N LYS C 8 32.45 9.48 -4.05
CA LYS C 8 31.27 10.19 -3.56
C LYS C 8 31.19 10.08 -2.04
N VAL C 9 30.87 11.19 -1.38
CA VAL C 9 30.87 11.24 0.08
C VAL C 9 29.46 10.96 0.59
N CYS C 10 29.35 10.00 1.51
CA CYS C 10 28.08 9.65 2.13
C CYS C 10 28.26 9.71 3.63
N ILE C 11 27.41 10.48 4.31
CA ILE C 11 27.38 10.47 5.77
C ILE C 11 26.38 9.41 6.21
N ILE C 12 26.79 8.56 7.16
CA ILE C 12 25.91 7.51 7.68
C ILE C 12 25.79 7.67 9.19
N THR C 13 24.60 8.04 9.66
CA THR C 13 24.45 8.20 11.10
C THR C 13 24.24 6.82 11.73
N GLY C 14 24.78 6.65 12.93
CA GLY C 14 24.81 5.32 13.49
C GLY C 14 25.58 4.32 12.66
N GLY C 15 26.50 4.78 11.82
CA GLY C 15 27.24 3.89 10.95
C GLY C 15 28.37 3.14 11.62
N ALA C 16 28.49 3.24 12.93
CA ALA C 16 29.58 2.58 13.63
C ALA C 16 29.32 1.10 13.87
N LYS C 17 28.04 0.70 13.95
CA LYS C 17 27.65 -0.67 14.30
C LYS C 17 26.49 -1.12 13.43
N GLY C 18 26.27 -2.44 13.43
CA GLY C 18 25.04 -3.02 12.91
C GLY C 18 24.80 -2.68 11.45
N ILE C 19 23.54 -2.35 11.14
CA ILE C 19 23.14 -2.08 9.76
C ILE C 19 23.96 -0.94 9.16
N GLY C 20 24.08 0.17 9.90
CA GLY C 20 24.80 1.32 9.35
C GLY C 20 26.25 1.01 9.03
N TYR C 21 26.89 0.16 9.82
CA TYR C 21 28.28 -0.17 9.56
C TYR C 21 28.42 -1.04 8.33
N GLY C 22 27.46 -1.96 8.12
CA GLY C 22 27.43 -2.71 6.87
C GLY C 22 27.25 -1.82 5.65
N ILE C 23 26.44 -0.76 5.77
CA ILE C 23 26.28 0.15 4.65
C ILE C 23 27.56 0.96 4.43
N ALA C 24 28.24 1.34 5.52
CA ALA C 24 29.50 2.07 5.40
C ALA C 24 30.57 1.23 4.71
N LYS C 25 30.72 -0.03 5.12
CA LYS C 25 31.75 -0.90 4.52
C LYS C 25 31.52 -1.07 3.02
N LEU C 26 30.27 -1.27 2.61
CA LEU C 26 29.99 -1.52 1.20
C LEU C 26 30.16 -0.24 0.39
N TRP C 27 29.74 0.89 0.94
CA TRP C 27 29.98 2.17 0.30
C TRP C 27 31.47 2.35 0.01
N ALA C 28 32.32 2.10 1.03
CA ALA C 28 33.77 2.19 0.87
C ALA C 28 34.32 1.13 -0.08
N SER C 29 33.77 -0.09 -0.04
CA SER C 29 34.26 -1.16 -0.91
C SER C 29 33.97 -0.85 -2.37
N GLU C 30 32.92 -0.09 -2.63
CA GLU C 30 32.58 0.31 -3.98
C GLU C 30 33.22 1.63 -4.39
N GLY C 31 34.13 2.17 -3.58
CA GLY C 31 34.87 3.36 -3.93
C GLY C 31 34.37 4.64 -3.28
N GLY C 32 33.23 4.61 -2.58
CA GLY C 32 32.73 5.80 -1.94
C GLY C 32 33.52 6.14 -0.69
N ILE C 33 33.32 7.36 -0.20
CA ILE C 33 33.98 7.80 1.02
C ILE C 33 32.91 7.88 2.11
N PRO C 34 32.91 6.99 3.10
CA PRO C 34 31.93 7.07 4.18
C PRO C 34 32.37 7.96 5.33
N VAL C 35 31.42 8.69 5.88
CA VAL C 35 31.62 9.55 7.04
C VAL C 35 30.59 9.15 8.08
N ILE C 36 31.04 8.69 9.24
CA ILE C 36 30.17 8.15 10.28
C ILE C 36 29.95 9.20 11.36
N PHE C 37 28.68 9.52 11.62
CA PHE C 37 28.26 10.25 12.82
C PHE C 37 27.66 9.21 13.77
N SER C 38 28.32 8.94 14.90
CA SER C 38 27.75 7.97 15.83
C SER C 38 28.25 8.28 17.25
N ARG C 39 27.62 7.64 18.23
CA ARG C 39 27.99 7.88 19.63
C ARG C 39 29.45 7.53 19.90
N SER C 40 29.95 6.48 19.25
CA SER C 40 31.30 5.98 19.46
C SER C 40 31.61 5.05 18.30
N MET C 41 32.89 4.77 18.11
CA MET C 41 33.37 3.93 17.02
C MET C 41 34.24 2.82 17.60
N PRO C 42 33.84 1.56 17.47
CA PRO C 42 34.74 0.46 17.87
C PRO C 42 36.07 0.57 17.14
N LYS C 43 37.16 0.39 17.89
CA LYS C 43 38.49 0.44 17.29
C LYS C 43 38.58 -0.49 16.09
N GLU C 44 38.09 -1.72 16.27
CA GLU C 44 38.17 -2.72 15.20
C GLU C 44 37.40 -2.27 13.96
N HIS C 45 36.36 -1.44 14.13
CA HIS C 45 35.63 -0.94 12.97
C HIS C 45 36.34 0.24 12.32
N ASP C 46 36.82 1.19 13.14
CA ASP C 46 37.62 2.30 12.64
C ASP C 46 38.78 1.79 11.80
N LYS C 47 39.40 0.69 12.22
CA LYS C 47 40.50 0.09 11.46
C LYS C 47 40.02 -0.46 10.12
N GLU C 48 38.89 -1.20 10.12
CA GLU C 48 38.40 -1.79 8.88
C GLU C 48 37.98 -0.73 7.87
N LEU C 49 37.29 0.33 8.33
CA LEU C 49 36.90 1.39 7.41
C LEU C 49 38.12 2.18 6.92
N LYS C 50 39.06 2.45 7.82
CA LYS C 50 40.30 3.10 7.41
C LYS C 50 41.03 2.28 6.35
N LYS C 51 41.09 0.96 6.53
CA LYS C 51 41.68 0.11 5.51
C LYS C 51 40.94 0.24 4.18
N LEU C 52 39.61 0.37 4.22
CA LEU C 52 38.81 0.37 3.01
C LEU C 52 38.80 1.72 2.29
N SER C 53 38.84 2.81 3.05
CA SER C 53 38.81 4.16 2.47
C SER C 53 39.72 5.06 3.28
N SER C 54 40.81 5.51 2.67
CA SER C 54 41.75 6.37 3.38
C SER C 54 41.15 7.72 3.73
N GLU C 55 40.03 8.10 3.10
CA GLU C 55 39.38 9.37 3.42
C GLU C 55 38.22 9.23 4.39
N TYR C 56 37.87 8.00 4.79
CA TYR C 56 36.80 7.81 5.77
C TYR C 56 37.09 8.58 7.06
N GLU C 57 36.04 9.17 7.64
CA GLU C 57 36.16 9.85 8.92
C GLU C 57 35.03 9.43 9.86
N PHE C 58 35.33 9.48 11.14
CA PHE C 58 34.34 9.29 12.21
C PHE C 58 34.19 10.60 12.98
N TYR C 59 32.94 11.02 13.21
CA TYR C 59 32.62 12.15 14.06
C TYR C 59 31.79 11.66 15.24
N GLU C 60 32.34 11.76 16.44
CA GLU C 60 31.63 11.35 17.65
C GLU C 60 30.52 12.36 17.96
N ILE C 61 29.28 11.88 18.03
CA ILE C 61 28.14 12.75 18.34
C ILE C 61 27.01 11.88 18.87
N ASP C 62 26.32 12.38 19.88
CA ASP C 62 25.04 11.82 20.30
C ASP C 62 23.96 12.66 19.63
N LEU C 63 23.32 12.09 18.61
CA LEU C 63 22.42 12.84 17.74
C LEU C 63 21.17 13.34 18.46
N LYS C 64 20.93 12.97 19.72
CA LYS C 64 19.93 13.68 20.49
C LYS C 64 20.29 15.15 20.66
N ASN C 65 21.58 15.48 20.62
CA ASN C 65 22.00 16.87 20.72
C ASN C 65 22.09 17.46 19.32
N TYR C 66 20.90 17.63 18.72
CA TYR C 66 20.79 17.97 17.30
C TYR C 66 21.39 19.32 16.98
N GLU C 67 21.53 20.18 18.00
N GLU C 67 21.53 20.21 17.96
CA GLU C 67 22.16 21.48 17.84
CA GLU C 67 22.17 21.49 17.72
C GLU C 67 23.65 21.37 17.46
C GLU C 67 23.63 21.33 17.32
N GLN C 68 24.26 20.20 17.66
CA GLN C 68 25.65 19.97 17.25
C GLN C 68 25.78 19.71 15.76
N ILE C 69 24.68 19.37 15.08
CA ILE C 69 24.75 18.79 13.74
C ILE C 69 25.25 19.81 12.71
N GLU C 70 24.82 21.07 12.80
CA GLU C 70 25.19 22.04 11.78
C GLU C 70 26.72 22.17 11.66
N LYS C 71 27.40 22.37 12.79
CA LYS C 71 28.86 22.48 12.79
C LYS C 71 29.53 21.22 12.24
N LEU C 72 29.03 20.04 12.61
CA LEU C 72 29.62 18.80 12.13
C LEU C 72 29.46 18.66 10.62
N VAL C 73 28.24 18.86 10.09
CA VAL C 73 28.02 18.73 8.65
C VAL C 73 28.87 19.74 7.89
N LYS C 74 29.03 20.96 8.43
CA LYS C 74 29.84 21.97 7.75
C LYS C 74 31.31 21.56 7.71
N LYS C 75 31.81 20.97 8.79
CA LYS C 75 33.17 20.43 8.78
C LYS C 75 33.35 19.38 7.69
N VAL C 76 32.39 18.47 7.52
CA VAL C 76 32.51 17.43 6.50
C VAL C 76 32.60 18.05 5.11
N ALA C 77 31.79 19.08 4.84
CA ALA C 77 31.76 19.69 3.52
C ALA C 77 33.04 20.45 3.22
N ILE C 78 33.64 21.07 4.23
CA ILE C 78 34.91 21.75 3.97
C ILE C 78 36.00 20.72 3.73
N LYS C 79 36.04 19.67 4.55
CA LYS C 79 37.10 18.66 4.44
C LYS C 79 37.05 17.94 3.11
N HIS C 80 35.88 17.45 2.71
CA HIS C 80 35.79 16.64 1.50
C HIS C 80 35.31 17.41 0.28
N GLY C 81 34.90 18.67 0.44
CA GLY C 81 34.47 19.47 -0.68
C GLY C 81 33.00 19.35 -1.03
N GLY C 82 32.27 18.46 -0.37
CA GLY C 82 30.85 18.32 -0.63
C GLY C 82 30.32 17.05 -0.02
N ILE C 83 29.02 16.86 -0.17
CA ILE C 83 28.35 15.65 0.34
C ILE C 83 27.40 15.17 -0.73
N TYR C 84 27.56 13.92 -1.15
CA TYR C 84 26.67 13.36 -2.18
C TYR C 84 25.42 12.73 -1.58
N ALA C 85 25.53 12.02 -0.45
CA ALA C 85 24.40 11.26 0.07
C ALA C 85 24.39 11.30 1.58
N LEU C 86 23.20 11.06 2.15
CA LEU C 86 23.02 10.91 3.58
C LEU C 86 22.22 9.65 3.87
N VAL C 87 22.69 8.85 4.83
CA VAL C 87 21.90 7.73 5.34
C VAL C 87 21.53 8.06 6.78
N ASN C 88 20.23 8.29 7.01
CA ASN C 88 19.70 8.44 8.37
C ASN C 88 19.42 7.05 8.92
N ASN C 89 20.20 6.61 9.87
CA ASN C 89 20.14 5.22 10.27
C ASN C 89 20.10 5.09 11.80
N ALA C 90 20.69 6.04 12.52
CA ALA C 90 20.80 5.92 13.98
C ALA C 90 19.41 5.84 14.59
N GLY C 91 19.20 4.85 15.45
CA GLY C 91 17.92 4.66 16.10
C GLY C 91 17.94 3.44 16.98
N THR C 92 16.94 3.35 17.85
CA THR C 92 16.87 2.26 18.82
C THR C 92 15.42 1.88 19.02
N ASN C 93 15.10 0.59 18.93
CA ASN C 93 13.79 0.15 19.38
C ASN C 93 13.87 0.11 20.90
N ASP C 94 13.27 1.11 21.55
CA ASP C 94 13.28 1.23 23.00
C ASP C 94 12.05 0.62 23.66
N ASN C 95 11.12 0.05 22.90
CA ASN C 95 10.01 -0.74 23.44
C ASN C 95 9.27 0.02 24.55
N LEU C 96 8.89 1.26 24.24
CA LEU C 96 8.14 2.10 25.15
C LEU C 96 6.67 1.95 24.79
N HIS C 97 5.92 1.27 25.63
CA HIS C 97 4.51 1.01 25.40
C HIS C 97 3.68 2.15 26.00
N ILE C 98 2.57 2.47 25.33
CA ILE C 98 1.81 3.67 25.69
C ILE C 98 1.32 3.61 27.13
N GLU C 99 0.88 2.43 27.58
CA GLU C 99 0.18 2.35 28.85
C GLU C 99 1.10 2.56 30.05
N ASN C 100 2.43 2.43 29.89
CA ASN C 100 3.32 2.77 30.99
C ASN C 100 4.48 3.66 30.56
N THR C 101 4.34 4.42 29.47
CA THR C 101 5.34 5.43 29.12
C THR C 101 4.70 6.81 29.11
N SER C 102 5.32 7.75 29.79
CA SER C 102 4.76 9.09 29.82
C SER C 102 4.96 9.75 28.45
N THR C 103 4.22 10.84 28.25
CA THR C 103 4.46 11.66 27.06
C THR C 103 5.89 12.22 27.08
N GLN C 104 6.39 12.61 28.26
CA GLN C 104 7.74 13.16 28.34
C GLN C 104 8.79 12.15 27.91
N ASP C 105 8.61 10.86 28.27
CA ASP C 105 9.54 9.84 27.79
C ASP C 105 9.32 9.52 26.31
N LEU C 106 8.10 9.65 25.80
CA LEU C 106 7.91 9.60 24.34
C LEU C 106 8.76 10.65 23.65
N ILE C 107 8.67 11.90 24.10
CA ILE C 107 9.46 12.99 23.53
C ILE C 107 10.96 12.70 23.61
N LYS C 108 11.41 12.12 24.72
CA LYS C 108 12.82 11.76 24.84
C LYS C 108 13.21 10.70 23.82
N SER C 109 12.31 9.76 23.54
CA SER C 109 12.57 8.76 22.51
C SER C 109 12.75 9.40 21.14
N TYR C 110 11.90 10.39 20.82
CA TYR C 110 12.02 11.11 19.56
C TYR C 110 13.34 11.87 19.45
N GLU C 111 13.84 12.41 20.56
CA GLU C 111 15.16 13.03 20.53
C GLU C 111 16.22 12.00 20.14
N ASN C 112 16.10 10.77 20.66
CA ASN C 112 17.05 9.72 20.31
C ASN C 112 16.84 9.18 18.89
N ASN C 113 15.58 9.12 18.43
CA ASN C 113 15.24 8.34 17.24
C ASN C 113 14.75 9.15 16.06
N LEU C 114 14.30 10.38 16.25
CA LEU C 114 13.52 11.01 15.19
C LEU C 114 14.07 12.37 14.78
N PHE C 115 14.23 13.28 15.74
CA PHE C 115 14.45 14.69 15.40
C PHE C 115 15.68 14.86 14.51
N HIS C 116 16.75 14.10 14.79
CA HIS C 116 17.98 14.22 14.00
C HIS C 116 17.85 13.70 12.57
N TYR C 117 16.84 12.87 12.25
CA TYR C 117 16.60 12.61 10.82
C TYR C 117 16.27 13.91 10.10
N TYR C 118 15.48 14.77 10.75
CA TYR C 118 15.15 16.08 10.19
C TYR C 118 16.39 16.98 10.14
N THR C 119 17.10 17.11 11.27
CA THR C 119 18.21 18.06 11.33
C THR C 119 19.34 17.65 10.40
N MET C 120 19.64 16.34 10.31
CA MET C 120 20.72 15.91 9.42
C MET C 120 20.37 16.23 7.98
N THR C 121 19.13 15.96 7.58
CA THR C 121 18.72 16.21 6.21
C THR C 121 18.77 17.71 5.91
N LYS C 122 18.21 18.53 6.81
CA LYS C 122 18.25 19.98 6.68
C LYS C 122 19.65 20.49 6.42
N GLU C 123 20.62 20.09 7.23
CA GLU C 123 21.97 20.65 7.09
C GLU C 123 22.71 20.05 5.89
N CYS C 124 22.46 18.79 5.56
CA CYS C 124 23.09 18.17 4.40
C CYS C 124 22.48 18.63 3.09
N LEU C 125 21.23 19.11 3.10
CA LEU C 125 20.52 19.39 1.84
C LEU C 125 21.28 20.33 0.91
N PRO C 126 21.84 21.46 1.36
CA PRO C 126 22.51 22.35 0.38
C PRO C 126 23.59 21.62 -0.41
N TYR C 127 24.36 20.77 0.27
CA TYR C 127 25.44 20.04 -0.40
C TYR C 127 24.90 18.92 -1.29
N ILE C 128 23.87 18.21 -0.83
CA ILE C 128 23.36 17.09 -1.63
C ILE C 128 22.60 17.61 -2.84
N LYS C 129 21.91 18.75 -2.71
CA LYS C 129 21.29 19.36 -3.88
C LYS C 129 22.34 19.72 -4.91
N LYS C 130 23.48 20.24 -4.47
CA LYS C 130 24.54 20.63 -5.41
C LYS C 130 25.00 19.43 -6.24
N GLU C 131 25.05 18.24 -5.63
CA GLU C 131 25.52 17.05 -6.32
C GLU C 131 24.40 16.19 -6.87
N GLN C 132 23.15 16.65 -6.77
CA GLN C 132 21.97 15.89 -7.18
C GLN C 132 22.02 14.45 -6.67
N GLY C 133 22.28 14.31 -5.37
CA GLY C 133 22.48 13.04 -4.72
C GLY C 133 21.22 12.38 -4.16
N SER C 134 21.40 11.65 -3.05
CA SER C 134 20.38 10.76 -2.51
C SER C 134 20.32 10.87 -1.00
N ILE C 135 19.11 10.78 -0.46
CA ILE C 135 18.88 10.63 0.97
C ILE C 135 18.16 9.32 1.19
N LEU C 136 18.61 8.55 2.18
CA LEU C 136 18.04 7.25 2.47
C LEU C 136 17.73 7.19 3.96
N ASN C 137 16.46 6.99 4.29
CA ASN C 137 16.04 6.83 5.67
C ASN C 137 15.90 5.34 5.98
N ILE C 138 16.64 4.85 6.96
CA ILE C 138 16.40 3.50 7.45
C ILE C 138 15.21 3.58 8.40
N VAL C 139 14.13 2.89 8.08
CA VAL C 139 12.94 2.90 8.93
C VAL C 139 12.76 1.48 9.48
N SER C 140 11.52 1.03 9.58
CA SER C 140 11.27 -0.27 10.22
C SER C 140 9.91 -0.78 9.75
N LYS C 141 9.81 -2.09 9.62
CA LYS C 141 8.53 -2.79 9.44
C LYS C 141 7.45 -2.28 10.40
N THR C 142 7.89 -2.00 11.62
CA THR C 142 6.96 -1.66 12.71
C THR C 142 6.23 -0.35 12.44
N GLY C 143 6.84 0.58 11.71
CA GLY C 143 6.13 1.77 11.30
C GLY C 143 4.97 1.49 10.34
N ILE C 144 4.98 0.33 9.68
CA ILE C 144 3.92 -0.07 8.75
C ILE C 144 2.92 -1.01 9.42
N THR C 145 3.42 -2.02 10.11
CA THR C 145 2.62 -3.12 10.62
C THR C 145 2.28 -2.97 12.08
N GLY C 146 2.91 -2.03 12.78
CA GLY C 146 2.81 -1.98 14.22
C GLY C 146 3.51 -3.18 14.83
N GLN C 147 3.63 -3.18 16.15
CA GLN C 147 4.10 -4.39 16.82
C GLN C 147 3.29 -4.60 18.09
N GLY C 148 3.08 -3.54 18.89
CA GLY C 148 2.16 -3.64 20.01
C GLY C 148 2.67 -3.18 21.36
N ARG C 149 3.98 -3.19 21.56
CA ARG C 149 4.53 -2.75 22.85
C ARG C 149 5.61 -1.70 22.65
N THR C 150 5.53 -0.94 21.56
CA THR C 150 6.61 -0.01 21.24
C THR C 150 6.07 1.21 20.48
N SER C 151 5.22 1.99 21.17
CA SER C 151 4.54 3.12 20.53
C SER C 151 5.50 4.21 20.05
N ALA C 152 6.58 4.47 20.82
CA ALA C 152 7.49 5.56 20.47
C ALA C 152 8.29 5.23 19.22
N TYR C 153 8.75 3.98 19.13
CA TYR C 153 9.52 3.53 17.97
C TYR C 153 8.65 3.40 16.73
N ALA C 154 7.44 2.83 16.88
CA ALA C 154 6.57 2.66 15.71
C ALA C 154 6.19 4.02 15.11
N SER C 155 5.88 4.99 15.96
CA SER C 155 5.47 6.31 15.46
C SER C 155 6.64 7.04 14.84
N ALA C 156 7.83 6.95 15.46
CA ALA C 156 9.01 7.59 14.89
C ALA C 156 9.33 7.05 13.50
N LYS C 157 9.27 5.72 13.33
CA LYS C 157 9.65 5.13 12.06
C LYS C 157 8.60 5.45 10.99
N ALA C 158 7.33 5.46 11.37
CA ALA C 158 6.28 5.92 10.46
C ALA C 158 6.48 7.38 10.09
N ALA C 159 6.86 8.22 11.06
CA ALA C 159 7.16 9.62 10.75
C ALA C 159 8.29 9.71 9.71
N GLN C 160 9.30 8.84 9.82
CA GLN C 160 10.38 8.84 8.85
C GLN C 160 9.90 8.43 7.46
N MET C 161 8.86 7.59 7.37
CA MET C 161 8.24 7.35 6.07
C MET C 161 7.57 8.59 5.52
N GLY C 162 6.88 9.35 6.39
CA GLY C 162 6.35 10.64 5.98
C GLY C 162 7.43 11.59 5.47
N PHE C 163 8.53 11.70 6.23
CA PHE C 163 9.66 12.51 5.79
C PHE C 163 10.15 12.05 4.42
N THR C 164 10.14 10.74 4.18
CA THR C 164 10.67 10.21 2.92
C THR C 164 9.84 10.69 1.74
N ARG C 165 8.52 10.57 1.85
CA ARG C 165 7.62 11.02 0.78
C ARG C 165 7.62 12.54 0.66
N GLU C 166 7.62 13.24 1.78
CA GLU C 166 7.59 14.70 1.78
C GLU C 166 8.86 15.26 1.14
N TRP C 167 10.02 14.76 1.57
CA TRP C 167 11.27 15.22 0.97
C TRP C 167 11.40 14.78 -0.48
N ALA C 168 10.86 13.61 -0.85
CA ALA C 168 10.92 13.23 -2.26
C ALA C 168 10.13 14.21 -3.12
N CYS C 169 8.95 14.64 -2.65
CA CYS C 169 8.19 15.70 -3.33
C CYS C 169 8.99 17.01 -3.39
N ALA C 170 9.61 17.37 -2.27
CA ALA C 170 10.22 18.71 -2.17
C ALA C 170 11.40 18.87 -3.10
N PHE C 171 12.16 17.79 -3.34
CA PHE C 171 13.44 17.92 -4.01
C PHE C 171 13.51 17.16 -5.33
N ALA C 172 12.40 16.61 -5.82
CA ALA C 172 12.38 16.02 -7.16
C ALA C 172 12.82 17.04 -8.20
N LYS C 173 12.35 18.28 -8.07
CA LYS C 173 12.75 19.34 -9.00
C LYS C 173 14.26 19.55 -9.00
N ASP C 174 14.94 19.20 -7.90
CA ASP C 174 16.38 19.33 -7.78
C ASP C 174 17.12 18.07 -8.16
N ASN C 175 16.41 17.04 -8.64
CA ASN C 175 17.02 15.75 -8.92
C ASN C 175 17.73 15.21 -7.68
N VAL C 176 17.07 15.32 -6.54
CA VAL C 176 17.50 14.67 -5.30
C VAL C 176 16.51 13.56 -4.98
N ARG C 177 17.01 12.32 -4.93
CA ARG C 177 16.18 11.16 -4.63
C ARG C 177 16.13 10.91 -3.13
N VAL C 178 14.95 10.55 -2.63
CA VAL C 178 14.72 10.30 -1.20
C VAL C 178 13.93 9.00 -1.07
N ASN C 179 14.55 7.99 -0.45
CA ASN C 179 13.93 6.70 -0.27
C ASN C 179 14.12 6.22 1.16
N ALA C 180 13.51 5.08 1.46
CA ALA C 180 13.61 4.48 2.78
C ALA C 180 13.76 2.98 2.64
N ILE C 181 14.44 2.38 3.63
CA ILE C 181 14.52 0.93 3.77
C ILE C 181 13.80 0.55 5.05
N ALA C 182 12.86 -0.38 4.94
CA ALA C 182 12.10 -0.89 6.08
C ALA C 182 12.52 -2.33 6.34
N PRO C 183 13.55 -2.57 7.15
CA PRO C 183 13.90 -3.95 7.49
C PRO C 183 12.89 -4.52 8.47
N ALA C 184 12.87 -5.86 8.52
CA ALA C 184 12.00 -6.53 9.47
C ALA C 184 12.82 -7.03 10.67
N GLU C 185 13.53 -8.14 10.47
CA GLU C 185 14.45 -8.69 11.46
C GLU C 185 15.81 -8.86 10.79
N VAL C 186 16.82 -8.15 11.30
CA VAL C 186 18.16 -8.16 10.75
C VAL C 186 19.13 -8.59 11.85
N MET C 187 19.90 -9.64 11.59
CA MET C 187 20.84 -10.16 12.58
C MET C 187 22.04 -9.23 12.66
N THR C 188 22.25 -8.64 13.82
CA THR C 188 23.40 -7.83 14.11
C THR C 188 24.09 -8.41 15.35
N PRO C 189 25.36 -8.08 15.58
CA PRO C 189 25.99 -8.50 16.85
C PRO C 189 25.18 -8.12 18.06
N LEU C 190 24.56 -6.92 18.07
CA LEU C 190 23.74 -6.54 19.23
C LEU C 190 22.50 -7.43 19.34
N TYR C 191 21.85 -7.76 18.22
CA TYR C 191 20.71 -8.66 18.28
C TYR C 191 21.16 -10.04 18.81
N GLU C 192 22.34 -10.49 18.40
CA GLU C 192 22.81 -11.79 18.85
C GLU C 192 23.08 -11.79 20.34
N LYS C 193 23.72 -10.73 20.86
CA LYS C 193 23.92 -10.61 22.30
C LYS C 193 22.58 -10.60 23.04
N TRP C 194 21.60 -9.87 22.51
CA TRP C 194 20.27 -9.87 23.11
C TRP C 194 19.68 -11.26 23.16
N LEU C 195 19.79 -12.03 22.07
CA LEU C 195 19.28 -13.40 22.07
C LEU C 195 20.01 -14.28 23.08
N GLN C 196 21.31 -14.03 23.27
CA GLN C 196 22.16 -14.84 24.14
C GLN C 196 21.79 -14.69 25.61
N ASN C 197 21.11 -13.61 26.01
CA ASN C 197 20.64 -13.47 27.39
C ASN C 197 19.44 -14.35 27.72
N PHE C 198 18.85 -15.04 26.74
CA PHE C 198 17.65 -15.81 26.99
C PHE C 198 18.01 -17.16 27.61
N PRO C 199 17.07 -17.77 28.36
CA PRO C 199 17.32 -19.14 28.84
C PRO C 199 17.71 -20.09 27.72
N ASN C 200 17.07 -19.96 26.56
CA ASN C 200 17.33 -20.83 25.41
C ASN C 200 17.45 -19.96 24.17
N PRO C 201 18.62 -19.39 23.92
CA PRO C 201 18.76 -18.43 22.81
C PRO C 201 18.38 -19.01 21.45
N LYS C 202 18.63 -20.29 21.21
CA LYS C 202 18.24 -20.89 19.93
C LYS C 202 16.72 -20.96 19.80
N GLU C 203 16.04 -21.40 20.86
CA GLU C 203 14.58 -21.43 20.87
C GLU C 203 13.99 -20.04 20.61
N GLN C 204 14.58 -19.01 21.21
CA GLN C 204 14.04 -17.67 21.05
C GLN C 204 14.28 -17.17 19.63
N TYR C 205 15.47 -17.44 19.09
CA TYR C 205 15.74 -17.10 17.71
C TYR C 205 14.72 -17.76 16.78
N GLU C 206 14.46 -19.04 17.00
CA GLU C 206 13.57 -19.77 16.10
C GLU C 206 12.12 -19.31 16.26
N LYS C 207 11.74 -18.85 17.45
CA LYS C 207 10.41 -18.29 17.65
C LYS C 207 10.20 -17.05 16.80
N ILE C 208 11.21 -16.16 16.75
CA ILE C 208 11.13 -14.97 15.92
C ILE C 208 11.24 -15.34 14.44
N ALA C 209 12.26 -16.16 14.12
CA ALA C 209 12.63 -16.43 12.72
C ALA C 209 11.61 -17.29 11.96
N LYS C 210 10.76 -18.05 12.67
CA LYS C 210 9.84 -18.93 11.97
C LYS C 210 8.75 -18.14 11.24
N ALA C 211 8.51 -16.89 11.65
CA ALA C 211 7.52 -16.04 11.00
C ALA C 211 8.03 -15.41 9.71
N ILE C 212 9.31 -15.58 9.38
CA ILE C 212 9.90 -14.97 8.19
C ILE C 212 9.76 -15.97 7.04
N PRO C 213 8.89 -15.72 6.05
CA PRO C 213 8.66 -16.74 5.01
C PRO C 213 9.91 -17.22 4.30
N LEU C 214 10.81 -16.32 3.92
CA LEU C 214 11.93 -16.72 3.06
C LEU C 214 13.05 -17.27 3.92
N GLY C 215 13.04 -18.59 4.12
CA GLY C 215 14.15 -19.25 4.78
C GLY C 215 14.06 -19.36 6.28
N HIS C 216 13.00 -18.84 6.90
CA HIS C 216 12.85 -18.90 8.36
C HIS C 216 14.11 -18.39 9.07
N ARG C 217 14.60 -17.24 8.63
CA ARG C 217 15.88 -16.72 9.05
C ARG C 217 15.90 -15.21 8.96
N PHE C 218 16.70 -14.59 9.81
CA PHE C 218 16.84 -13.14 9.82
C PHE C 218 17.45 -12.66 8.50
N THR C 219 17.08 -11.44 8.11
CA THR C 219 17.83 -10.75 7.07
C THR C 219 19.27 -10.52 7.53
N THR C 220 20.21 -10.54 6.58
CA THR C 220 21.60 -10.23 6.90
C THR C 220 21.90 -8.73 6.73
N ILE C 221 22.95 -8.28 7.43
CA ILE C 221 23.38 -6.89 7.27
C ILE C 221 23.80 -6.63 5.83
N GLU C 222 24.51 -7.58 5.24
CA GLU C 222 24.88 -7.49 3.82
C GLU C 222 23.66 -7.27 2.94
N GLU C 223 22.58 -8.03 3.18
CA GLU C 223 21.38 -7.90 2.36
C GLU C 223 20.78 -6.50 2.43
N ILE C 224 20.72 -5.92 3.63
CA ILE C 224 20.26 -4.54 3.77
C ILE C 224 21.22 -3.60 3.06
N ALA C 225 22.53 -3.78 3.31
CA ALA C 225 23.52 -2.87 2.72
C ALA C 225 23.45 -2.87 1.20
N ASN C 226 23.27 -4.03 0.59
CA ASN C 226 23.30 -4.12 -0.87
C ASN C 226 22.17 -3.33 -1.50
N THR C 227 20.95 -3.50 -0.99
CA THR C 227 19.82 -2.73 -1.48
C THR C 227 19.99 -1.24 -1.16
N ALA C 228 20.51 -0.94 0.03
CA ALA C 228 20.80 0.46 0.39
C ALA C 228 21.76 1.11 -0.61
N VAL C 229 22.91 0.47 -0.84
CA VAL C 229 23.94 1.13 -1.65
C VAL C 229 23.51 1.21 -3.11
N PHE C 230 22.86 0.16 -3.63
CA PHE C 230 22.30 0.25 -4.97
C PHE C 230 21.33 1.42 -5.09
N THR C 231 20.41 1.55 -4.12
CA THR C 231 19.40 2.60 -4.19
C THR C 231 20.01 3.99 -4.09
N LEU C 232 21.04 4.15 -3.25
CA LEU C 232 21.76 5.43 -3.15
C LEU C 232 22.45 5.77 -4.46
N SER C 233 22.93 4.77 -5.21
CA SER C 233 23.81 4.99 -6.34
C SER C 233 23.07 5.63 -7.50
N PRO C 234 23.81 6.25 -8.44
CA PRO C 234 23.18 6.75 -9.67
C PRO C 234 22.50 5.68 -10.52
N LEU C 235 22.75 4.39 -10.27
CA LEU C 235 22.08 3.36 -11.06
C LEU C 235 20.59 3.26 -10.74
N ALA C 236 20.16 3.76 -9.60
CA ALA C 236 18.73 3.86 -9.32
C ALA C 236 18.25 5.29 -9.51
N SER C 237 18.64 5.91 -10.64
CA SER C 237 18.42 7.34 -10.85
C SER C 237 16.96 7.73 -11.09
N HIS C 238 16.00 6.80 -11.16
CA HIS C 238 14.60 7.22 -11.25
C HIS C 238 13.78 6.72 -10.06
N THR C 239 14.46 6.23 -9.01
CA THR C 239 13.81 5.68 -7.83
C THR C 239 13.75 6.77 -6.74
N THR C 240 12.54 7.17 -6.35
CA THR C 240 12.38 8.15 -5.29
C THR C 240 11.00 7.96 -4.65
N GLY C 241 10.88 8.39 -3.39
CA GLY C 241 9.65 8.17 -2.66
C GLY C 241 9.38 6.73 -2.29
N GLN C 242 10.34 5.83 -2.49
CA GLN C 242 10.09 4.41 -2.29
C GLN C 242 10.37 4.02 -0.85
N ILE C 243 9.45 3.25 -0.28
CA ILE C 243 9.70 2.47 0.94
C ILE C 243 9.98 1.04 0.49
N LEU C 244 11.25 0.63 0.59
CA LEU C 244 11.72 -0.66 0.10
C LEU C 244 11.77 -1.68 1.23
N MET C 245 11.31 -2.91 0.95
CA MET C 245 11.24 -4.00 1.93
C MET C 245 12.10 -5.18 1.47
N PRO C 246 13.38 -5.22 1.85
CA PRO C 246 14.12 -6.49 1.78
C PRO C 246 14.01 -7.16 3.14
N ASP C 247 12.95 -7.96 3.32
CA ASP C 247 12.55 -8.41 4.64
C ASP C 247 12.12 -9.89 4.66
N GLY C 248 12.46 -10.67 3.63
CA GLY C 248 12.07 -12.06 3.55
C GLY C 248 10.58 -12.31 3.36
N GLY C 249 9.81 -11.31 2.93
CA GLY C 249 8.36 -11.44 2.81
C GLY C 249 7.59 -11.10 4.07
N TYR C 250 8.26 -10.51 5.07
CA TYR C 250 7.64 -10.29 6.38
C TYR C 250 6.37 -9.44 6.28
N VAL C 251 6.42 -8.34 5.54
CA VAL C 251 5.32 -7.38 5.58
C VAL C 251 4.17 -7.81 4.67
N HIS C 252 4.47 -8.33 3.48
CA HIS C 252 3.45 -8.47 2.45
C HIS C 252 2.91 -9.88 2.27
N LEU C 253 3.61 -10.93 2.69
CA LEU C 253 3.11 -12.28 2.44
C LEU C 253 2.12 -12.69 3.53
N ASP C 254 1.18 -13.56 3.15
CA ASP C 254 0.13 -14.08 4.03
C ASP C 254 0.65 -14.46 5.41
N ARG C 255 0.08 -13.81 6.44
CA ARG C 255 0.49 -14.02 7.83
C ARG C 255 0.38 -15.46 8.27
N ALA C 256 -0.45 -16.28 7.60
CA ALA C 256 -0.64 -17.68 7.93
C ALA C 256 0.37 -18.60 7.23
N LEU C 257 1.28 -18.06 6.42
CA LEU C 257 2.26 -18.88 5.72
C LEU C 257 3.03 -19.76 6.68
N ASN C 258 3.18 -21.03 6.31
CA ASN C 258 3.70 -22.06 7.21
C ASN C 258 4.23 -23.22 6.38
N TRP C 259 5.49 -23.58 6.60
CA TRP C 259 6.07 -24.74 5.91
C TRP C 259 7.05 -25.47 6.82
N ASP C 260 7.31 -26.74 6.47
CA ASP C 260 8.17 -27.66 7.22
C ASP C 260 7.71 -27.81 8.67
N MET D 1 30.43 -3.61 -7.99
CA MET D 1 29.56 -4.57 -7.32
C MET D 1 29.46 -5.85 -8.15
N ASP D 2 29.86 -6.97 -7.54
CA ASP D 2 29.80 -8.28 -8.19
C ASP D 2 28.42 -8.87 -7.96
N LEU D 3 27.60 -8.92 -9.02
CA LEU D 3 26.24 -9.43 -8.88
C LEU D 3 26.19 -10.95 -8.76
N LYS D 4 27.30 -11.65 -9.06
CA LYS D 4 27.39 -13.09 -8.90
C LYS D 4 26.35 -13.82 -9.75
N ILE D 5 26.23 -13.41 -11.01
CA ILE D 5 25.31 -14.08 -11.92
C ILE D 5 26.02 -14.71 -13.10
N LYS D 6 27.36 -14.74 -13.10
CA LYS D 6 28.13 -15.27 -14.23
C LYS D 6 27.66 -16.67 -14.59
N ASN D 7 27.30 -16.85 -15.86
CA ASN D 7 26.84 -18.11 -16.47
C ASN D 7 25.48 -18.57 -15.97
N LYS D 8 24.77 -17.76 -15.19
CA LYS D 8 23.41 -18.10 -14.83
C LYS D 8 22.48 -17.81 -16.00
N VAL D 9 21.54 -18.73 -16.24
CA VAL D 9 20.66 -18.65 -17.40
C VAL D 9 19.37 -17.96 -17.01
N CYS D 10 18.98 -16.93 -17.77
CA CYS D 10 17.73 -16.22 -17.53
C CYS D 10 16.94 -16.16 -18.83
N ILE D 11 15.72 -16.69 -18.81
CA ILE D 11 14.79 -16.54 -19.94
C ILE D 11 14.07 -15.21 -19.79
N ILE D 12 14.04 -14.43 -20.85
CA ILE D 12 13.37 -13.12 -20.85
C ILE D 12 12.34 -13.13 -21.97
N THR D 13 11.05 -13.19 -21.61
CA THR D 13 10.02 -13.16 -22.64
C THR D 13 9.87 -11.74 -23.16
N GLY D 14 9.65 -11.62 -24.47
CA GLY D 14 9.68 -10.33 -25.11
C GLY D 14 10.99 -9.61 -24.90
N GLY D 15 12.09 -10.35 -24.75
CA GLY D 15 13.40 -9.79 -24.53
C GLY D 15 14.11 -9.31 -25.78
N ALA D 16 13.42 -9.27 -26.92
CA ALA D 16 14.00 -8.82 -28.17
C ALA D 16 13.92 -7.31 -28.36
N LYS D 17 13.01 -6.63 -27.65
CA LYS D 17 12.82 -5.20 -27.86
C LYS D 17 12.58 -4.52 -26.53
N GLY D 18 12.74 -3.20 -26.52
CA GLY D 18 12.28 -2.38 -25.41
C GLY D 18 12.87 -2.79 -24.07
N ILE D 19 12.00 -2.80 -23.05
CA ILE D 19 12.45 -3.05 -21.68
C ILE D 19 13.13 -4.41 -21.57
N GLY D 20 12.48 -5.46 -22.13
CA GLY D 20 13.04 -6.79 -22.04
C GLY D 20 14.42 -6.90 -22.63
N TYR D 21 14.68 -6.13 -23.70
CA TYR D 21 15.99 -6.19 -24.34
C TYR D 21 17.04 -5.46 -23.51
N GLY D 22 16.65 -4.35 -22.86
CA GLY D 22 17.53 -3.73 -21.88
C GLY D 22 17.95 -4.69 -20.78
N ILE D 23 16.99 -5.47 -20.26
CA ILE D 23 17.29 -6.44 -19.20
C ILE D 23 18.23 -7.52 -19.72
N ALA D 24 18.01 -7.97 -20.96
CA ALA D 24 18.85 -9.00 -21.55
C ALA D 24 20.29 -8.51 -21.74
N LYS D 25 20.46 -7.28 -22.25
CA LYS D 25 21.82 -6.76 -22.46
C LYS D 25 22.55 -6.62 -21.14
N LEU D 26 21.87 -6.13 -20.10
CA LEU D 26 22.52 -5.97 -18.82
C LEU D 26 22.83 -7.32 -18.19
N TRP D 27 21.89 -8.26 -18.26
CA TRP D 27 22.16 -9.63 -17.80
C TRP D 27 23.39 -10.19 -18.50
N ALA D 28 23.51 -9.96 -19.81
CA ALA D 28 24.66 -10.44 -20.57
C ALA D 28 25.94 -9.70 -20.20
N SER D 29 25.89 -8.37 -20.08
CA SER D 29 27.08 -7.59 -19.75
C SER D 29 27.65 -7.99 -18.39
N GLU D 30 26.81 -8.49 -17.49
CA GLU D 30 27.24 -8.91 -16.16
C GLU D 30 27.64 -10.38 -16.11
N GLY D 31 27.69 -11.06 -17.25
CA GLY D 31 28.19 -12.42 -17.30
C GLY D 31 27.13 -13.50 -17.30
N GLY D 32 25.86 -13.13 -17.11
CA GLY D 32 24.79 -14.09 -17.23
C GLY D 32 24.50 -14.44 -18.68
N ILE D 33 23.78 -15.54 -18.87
CA ILE D 33 23.41 -16.02 -20.21
C ILE D 33 21.93 -15.72 -20.41
N PRO D 34 21.55 -14.83 -21.32
CA PRO D 34 20.14 -14.57 -21.59
C PRO D 34 19.59 -15.42 -22.74
N VAL D 35 18.39 -15.93 -22.53
CA VAL D 35 17.63 -16.66 -23.53
C VAL D 35 16.33 -15.90 -23.79
N ILE D 36 16.12 -15.49 -25.04
CA ILE D 36 15.00 -14.62 -25.41
C ILE D 36 13.89 -15.47 -26.01
N PHE D 37 12.69 -15.36 -25.45
CA PHE D 37 11.45 -15.88 -26.05
C PHE D 37 10.69 -14.67 -26.56
N SER D 38 10.53 -14.54 -27.88
CA SER D 38 9.82 -13.38 -28.39
C SER D 38 9.35 -13.66 -29.82
N ARG D 39 8.51 -12.76 -30.34
CA ARG D 39 7.89 -13.02 -31.64
C ARG D 39 8.91 -12.96 -32.76
N SER D 40 9.81 -11.99 -32.72
CA SER D 40 10.88 -11.87 -33.69
C SER D 40 12.08 -11.28 -32.97
N MET D 41 13.24 -11.30 -33.63
CA MET D 41 14.48 -10.75 -33.07
C MET D 41 15.16 -9.89 -34.14
N PRO D 42 15.18 -8.57 -33.97
CA PRO D 42 15.91 -7.72 -34.94
C PRO D 42 17.36 -8.16 -35.08
N LYS D 43 17.82 -8.24 -36.33
CA LYS D 43 19.16 -8.78 -36.58
C LYS D 43 20.23 -8.03 -35.81
N GLU D 44 20.07 -6.72 -35.63
CA GLU D 44 21.10 -5.95 -34.92
C GLU D 44 21.11 -6.28 -33.43
N HIS D 45 19.93 -6.51 -32.86
CA HIS D 45 19.87 -6.93 -31.46
C HIS D 45 20.46 -8.33 -31.28
N ASP D 46 20.19 -9.23 -32.23
CA ASP D 46 20.80 -10.55 -32.18
C ASP D 46 22.32 -10.46 -32.22
N LYS D 47 22.86 -9.57 -33.04
CA LYS D 47 24.30 -9.39 -33.12
C LYS D 47 24.87 -8.84 -31.81
N GLU D 48 24.24 -7.79 -31.26
CA GLU D 48 24.73 -7.22 -30.00
C GLU D 48 24.70 -8.25 -28.88
N LEU D 49 23.66 -9.07 -28.83
CA LEU D 49 23.55 -10.07 -27.77
C LEU D 49 24.58 -11.19 -27.93
N LYS D 50 24.80 -11.66 -29.17
CA LYS D 50 25.84 -12.66 -29.39
C LYS D 50 27.20 -12.13 -28.99
N LYS D 51 27.49 -10.88 -29.36
CA LYS D 51 28.71 -10.21 -28.93
C LYS D 51 28.82 -10.17 -27.41
N LEU D 52 27.69 -9.99 -26.72
CA LEU D 52 27.73 -9.91 -25.26
C LEU D 52 27.87 -11.28 -24.61
N SER D 53 27.18 -12.29 -25.14
CA SER D 53 27.13 -13.60 -24.52
C SER D 53 27.14 -14.68 -25.59
N SER D 54 28.22 -15.46 -25.64
CA SER D 54 28.36 -16.49 -26.67
C SER D 54 27.34 -17.60 -26.52
N GLU D 55 26.75 -17.78 -25.33
CA GLU D 55 25.75 -18.82 -25.11
C GLU D 55 24.33 -18.33 -25.30
N TYR D 56 24.16 -17.04 -25.59
CA TYR D 56 22.84 -16.49 -25.83
C TYR D 56 22.09 -17.26 -26.91
N GLU D 57 20.78 -17.42 -26.72
CA GLU D 57 19.89 -18.06 -27.68
C GLU D 57 18.60 -17.24 -27.84
N PHE D 58 18.09 -17.22 -29.07
CA PHE D 58 16.77 -16.70 -29.39
C PHE D 58 15.83 -17.84 -29.77
N TYR D 59 14.64 -17.86 -29.16
CA TYR D 59 13.59 -18.80 -29.53
C TYR D 59 12.40 -18.00 -30.03
N GLU D 60 12.01 -18.23 -31.28
CA GLU D 60 10.91 -17.48 -31.88
C GLU D 60 9.59 -18.10 -31.44
N ILE D 61 8.71 -17.30 -30.85
CA ILE D 61 7.44 -17.83 -30.37
C ILE D 61 6.47 -16.67 -30.11
N ASP D 62 5.21 -16.88 -30.49
CA ASP D 62 4.12 -16.02 -30.07
C ASP D 62 3.52 -16.67 -28.84
N LEU D 63 3.74 -16.04 -27.66
CA LEU D 63 3.39 -16.64 -26.38
C LEU D 63 1.88 -16.68 -26.12
N LYS D 64 1.05 -16.11 -27.00
CA LYS D 64 -0.36 -16.48 -26.97
C LYS D 64 -0.52 -17.98 -27.19
N ASN D 65 0.38 -18.62 -27.95
CA ASN D 65 0.31 -20.06 -28.16
C ASN D 65 1.04 -20.78 -27.02
N TYR D 66 0.45 -20.69 -25.83
CA TYR D 66 1.14 -21.12 -24.62
C TYR D 66 1.42 -22.62 -24.61
N GLU D 67 0.75 -23.38 -25.48
N GLU D 67 0.77 -23.40 -25.47
CA GLU D 67 1.04 -24.81 -25.62
CA GLU D 67 1.08 -24.83 -25.56
C GLU D 67 2.46 -25.07 -26.10
C GLU D 67 2.49 -25.07 -26.09
N GLN D 68 3.08 -24.10 -26.77
CA GLN D 68 4.45 -24.23 -27.25
C GLN D 68 5.49 -24.08 -26.14
N ILE D 69 5.10 -23.59 -24.96
CA ILE D 69 6.08 -23.16 -23.97
C ILE D 69 6.80 -24.35 -23.35
N GLU D 70 6.08 -25.45 -23.06
CA GLU D 70 6.72 -26.60 -22.42
C GLU D 70 7.88 -27.15 -23.27
N LYS D 71 7.64 -27.29 -24.58
CA LYS D 71 8.68 -27.79 -25.46
C LYS D 71 9.87 -26.83 -25.52
N LEU D 72 9.60 -25.52 -25.55
CA LEU D 72 10.68 -24.55 -25.68
C LEU D 72 11.52 -24.48 -24.40
N VAL D 73 10.87 -24.41 -23.24
CA VAL D 73 11.59 -24.40 -21.98
C VAL D 73 12.41 -25.68 -21.79
N LYS D 74 11.89 -26.82 -22.28
CA LYS D 74 12.62 -28.07 -22.11
C LYS D 74 13.90 -28.06 -22.92
N LYS D 75 13.84 -27.51 -24.14
CA LYS D 75 15.03 -27.30 -24.94
C LYS D 75 16.05 -26.44 -24.21
N VAL D 76 15.60 -25.29 -23.67
CA VAL D 76 16.50 -24.40 -22.94
C VAL D 76 17.23 -25.17 -21.86
N ALA D 77 16.48 -25.94 -21.06
CA ALA D 77 17.07 -26.67 -19.95
C ALA D 77 18.06 -27.72 -20.43
N ILE D 78 17.75 -28.41 -21.54
CA ILE D 78 18.69 -29.40 -22.04
C ILE D 78 19.93 -28.73 -22.60
N LYS D 79 19.75 -27.67 -23.39
CA LYS D 79 20.89 -27.03 -24.05
C LYS D 79 21.86 -26.42 -23.05
N HIS D 80 21.36 -25.81 -21.97
CA HIS D 80 22.23 -25.11 -21.03
C HIS D 80 22.40 -25.82 -19.70
N GLY D 81 21.61 -26.85 -19.40
CA GLY D 81 21.75 -27.62 -18.19
C GLY D 81 20.84 -27.18 -17.06
N GLY D 82 20.27 -25.99 -17.15
CA GLY D 82 19.29 -25.56 -16.18
C GLY D 82 18.82 -24.16 -16.48
N ILE D 83 17.98 -23.64 -15.59
CA ILE D 83 17.47 -22.28 -15.69
C ILE D 83 17.53 -21.67 -14.30
N TYR D 84 18.20 -20.53 -14.19
CA TYR D 84 18.27 -19.82 -12.91
C TYR D 84 17.10 -18.87 -12.70
N ALA D 85 16.72 -18.12 -13.73
CA ALA D 85 15.78 -17.03 -13.54
C ALA D 85 14.83 -16.96 -14.73
N LEU D 86 13.68 -16.33 -14.49
CA LEU D 86 12.70 -16.02 -15.53
C LEU D 86 12.24 -14.57 -15.39
N VAL D 87 12.29 -13.83 -16.49
CA VAL D 87 11.68 -12.51 -16.57
C VAL D 87 10.43 -12.65 -17.44
N ASN D 88 9.26 -12.56 -16.81
CA ASN D 88 8.00 -12.47 -17.55
C ASN D 88 7.81 -11.01 -17.94
N ASN D 89 7.94 -10.70 -19.22
CA ASN D 89 7.97 -9.32 -19.67
C ASN D 89 7.12 -9.06 -20.90
N ALA D 90 6.83 -10.05 -21.73
CA ALA D 90 6.13 -9.80 -22.97
C ALA D 90 4.70 -9.32 -22.69
N GLY D 91 4.33 -8.21 -23.30
CA GLY D 91 2.99 -7.69 -23.14
C GLY D 91 2.82 -6.45 -23.99
N THR D 92 1.57 -5.99 -24.06
CA THR D 92 1.19 -4.84 -24.88
C THR D 92 0.03 -4.12 -24.19
N ASN D 93 0.15 -2.80 -24.02
CA ASN D 93 -1.00 -2.00 -23.62
C ASN D 93 -1.84 -1.81 -24.87
N ASP D 94 -2.91 -2.60 -24.99
CA ASP D 94 -3.77 -2.59 -26.16
C ASP D 94 -4.97 -1.66 -26.02
N ASN D 95 -5.02 -0.86 -24.95
CA ASN D 95 -6.04 0.18 -24.75
C ASN D 95 -7.45 -0.29 -25.14
N LEU D 96 -7.85 -1.45 -24.57
CA LEU D 96 -9.18 -1.99 -24.76
C LEU D 96 -10.09 -1.52 -23.62
N HIS D 97 -10.97 -0.58 -23.93
CA HIS D 97 -11.85 0.02 -22.94
C HIS D 97 -13.09 -0.85 -22.75
N ILE D 98 -13.57 -0.96 -21.50
CA ILE D 98 -14.65 -1.91 -21.23
C ILE D 98 -15.91 -1.54 -22.01
N GLU D 99 -16.15 -0.25 -22.21
CA GLU D 99 -17.42 0.16 -22.80
C GLU D 99 -17.51 -0.20 -24.28
N ASN D 100 -16.40 -0.48 -24.95
CA ASN D 100 -16.48 -0.86 -26.36
C ASN D 100 -15.67 -2.11 -26.67
N THR D 101 -15.40 -2.96 -25.68
CA THR D 101 -14.66 -4.20 -25.90
C THR D 101 -15.45 -5.38 -25.36
N SER D 102 -15.62 -6.38 -26.21
CA SER D 102 -16.35 -7.58 -25.85
C SER D 102 -15.54 -8.40 -24.85
N THR D 103 -16.25 -9.25 -24.13
CA THR D 103 -15.58 -10.19 -23.24
C THR D 103 -14.67 -11.14 -24.03
N GLN D 104 -15.07 -11.51 -25.25
CA GLN D 104 -14.23 -12.35 -26.11
C GLN D 104 -12.89 -11.68 -26.42
N ASP D 105 -12.91 -10.37 -26.73
CA ASP D 105 -11.66 -9.64 -26.97
C ASP D 105 -10.87 -9.40 -25.69
N LEU D 106 -11.53 -9.37 -24.53
CA LEU D 106 -10.79 -9.35 -23.27
C LEU D 106 -9.98 -10.62 -23.12
N ILE D 107 -10.59 -11.76 -23.44
CA ILE D 107 -9.91 -13.05 -23.35
C ILE D 107 -8.77 -13.13 -24.36
N LYS D 108 -8.99 -12.60 -25.57
CA LYS D 108 -7.89 -12.53 -26.54
C LYS D 108 -6.73 -11.73 -25.98
N SER D 109 -7.03 -10.61 -25.31
CA SER D 109 -5.96 -9.80 -24.72
C SER D 109 -5.22 -10.58 -23.64
N TYR D 110 -5.95 -11.31 -22.81
CA TYR D 110 -5.30 -12.11 -21.78
C TYR D 110 -4.39 -13.15 -22.40
N GLU D 111 -4.78 -13.68 -23.56
CA GLU D 111 -3.90 -14.61 -24.27
C GLU D 111 -2.59 -13.95 -24.64
N ASN D 112 -2.64 -12.70 -25.12
CA ASN D 112 -1.42 -12.03 -25.54
C ASN D 112 -0.59 -11.53 -24.36
N ASN D 113 -1.24 -11.22 -23.24
CA ASN D 113 -0.63 -10.47 -22.14
C ASN D 113 -0.48 -11.24 -20.85
N LEU D 114 -1.35 -12.21 -20.57
CA LEU D 114 -1.45 -12.74 -19.22
C LEU D 114 -1.09 -14.21 -19.12
N PHE D 115 -1.73 -15.07 -19.93
CA PHE D 115 -1.72 -16.50 -19.64
C PHE D 115 -0.29 -17.07 -19.63
N HIS D 116 0.58 -16.57 -20.52
CA HIS D 116 1.93 -17.10 -20.58
C HIS D 116 2.80 -16.71 -19.39
N TYR D 117 2.41 -15.69 -18.59
CA TYR D 117 3.13 -15.49 -17.33
C TYR D 117 2.98 -16.72 -16.45
N TYR D 118 1.77 -17.29 -16.43
CA TYR D 118 1.51 -18.51 -15.71
C TYR D 118 2.25 -19.68 -16.32
N THR D 119 2.11 -19.86 -17.64
CA THR D 119 2.65 -21.05 -18.30
C THR D 119 4.17 -21.05 -18.26
N MET D 120 4.80 -19.89 -18.54
CA MET D 120 6.25 -19.80 -18.48
C MET D 120 6.74 -20.15 -17.08
N THR D 121 6.11 -19.57 -16.05
CA THR D 121 6.51 -19.85 -14.67
C THR D 121 6.32 -21.31 -14.34
N LYS D 122 5.17 -21.88 -14.73
CA LYS D 122 4.89 -23.28 -14.46
C LYS D 122 5.96 -24.19 -15.03
N GLU D 123 6.41 -23.92 -16.26
CA GLU D 123 7.37 -24.82 -16.89
C GLU D 123 8.81 -24.55 -16.44
N CYS D 124 9.14 -23.29 -16.10
CA CYS D 124 10.48 -22.99 -15.57
C CYS D 124 10.66 -23.40 -14.11
N LEU D 125 9.57 -23.56 -13.35
CA LEU D 125 9.70 -23.74 -11.91
C LEU D 125 10.52 -24.97 -11.52
N PRO D 126 10.34 -26.14 -12.14
CA PRO D 126 11.24 -27.28 -11.82
C PRO D 126 12.72 -26.89 -11.80
N TYR D 127 13.18 -26.18 -12.82
CA TYR D 127 14.59 -25.82 -12.95
C TYR D 127 15.01 -24.67 -12.04
N ILE D 128 14.15 -23.67 -11.85
CA ILE D 128 14.50 -22.52 -11.02
C ILE D 128 14.57 -22.91 -9.55
N LYS D 129 13.66 -23.79 -9.09
CA LYS D 129 13.77 -24.31 -7.72
C LYS D 129 15.07 -25.08 -7.52
N LYS D 130 15.53 -25.80 -8.54
CA LYS D 130 16.80 -26.51 -8.41
C LYS D 130 17.93 -25.54 -8.09
N GLU D 131 17.96 -24.41 -8.78
CA GLU D 131 19.03 -23.44 -8.61
C GLU D 131 18.70 -22.37 -7.57
N GLN D 132 17.59 -22.50 -6.86
CA GLN D 132 17.18 -21.51 -5.85
C GLN D 132 17.26 -20.10 -6.43
N GLY D 133 16.67 -19.94 -7.61
CA GLY D 133 16.76 -18.71 -8.38
C GLY D 133 15.63 -17.72 -8.16
N SER D 134 15.17 -17.10 -9.25
CA SER D 134 14.39 -15.88 -9.16
C SER D 134 13.38 -15.79 -10.30
N ILE D 135 12.20 -15.27 -9.98
CA ILE D 135 11.20 -14.91 -10.97
C ILE D 135 10.86 -13.44 -10.81
N LEU D 136 10.76 -12.75 -11.95
CA LEU D 136 10.52 -11.32 -11.97
C LEU D 136 9.42 -11.05 -13.00
N ASN D 137 8.33 -10.46 -12.55
CA ASN D 137 7.21 -10.14 -13.42
C ASN D 137 7.22 -8.65 -13.71
N ILE D 138 7.30 -8.29 -14.99
CA ILE D 138 7.19 -6.88 -15.34
C ILE D 138 5.70 -6.58 -15.42
N VAL D 139 5.21 -5.77 -14.47
CA VAL D 139 3.79 -5.42 -14.47
C VAL D 139 3.70 -3.97 -14.91
N SER D 140 2.81 -3.18 -14.30
CA SER D 140 2.66 -1.79 -14.72
C SER D 140 1.98 -0.99 -13.63
N LYS D 141 2.31 0.31 -13.58
CA LYS D 141 1.57 1.21 -12.69
C LYS D 141 0.06 1.10 -12.88
N THR D 142 -0.39 0.82 -14.11
CA THR D 142 -1.82 0.83 -14.41
C THR D 142 -2.59 -0.22 -13.62
N GLY D 143 -1.95 -1.36 -13.31
CA GLY D 143 -2.56 -2.33 -12.42
C GLY D 143 -2.82 -1.80 -11.03
N ILE D 144 -2.09 -0.77 -10.62
CA ILE D 144 -2.21 -0.16 -9.31
C ILE D 144 -3.11 1.08 -9.36
N THR D 145 -2.85 1.97 -10.32
CA THR D 145 -3.48 3.28 -10.39
C THR D 145 -4.71 3.29 -11.28
N GLY D 146 -4.86 2.27 -12.12
CA GLY D 146 -5.78 2.36 -13.23
C GLY D 146 -5.32 3.40 -14.22
N GLN D 147 -6.09 3.57 -15.28
CA GLN D 147 -5.80 4.64 -16.23
C GLN D 147 -7.13 5.17 -16.73
N GLY D 148 -8.02 4.28 -17.15
CA GLY D 148 -9.35 4.70 -17.54
C GLY D 148 -9.86 4.25 -18.89
N ARG D 149 -8.97 3.83 -19.80
CA ARG D 149 -9.40 3.38 -21.12
C ARG D 149 -8.70 2.10 -21.55
N THR D 150 -8.35 1.24 -20.60
CA THR D 150 -7.53 0.07 -20.92
C THR D 150 -7.82 -1.02 -19.87
N SER D 151 -9.07 -1.53 -19.87
CA SER D 151 -9.51 -2.50 -18.88
C SER D 151 -8.74 -3.82 -19.00
N ALA D 152 -8.52 -4.30 -20.23
CA ALA D 152 -7.84 -5.58 -20.41
C ALA D 152 -6.42 -5.53 -19.89
N TYR D 153 -5.71 -4.44 -20.16
CA TYR D 153 -4.33 -4.33 -19.71
C TYR D 153 -4.23 -4.09 -18.20
N ALA D 154 -5.08 -3.20 -17.67
CA ALA D 154 -5.03 -2.90 -16.24
C ALA D 154 -5.28 -4.16 -15.39
N SER D 155 -6.27 -4.98 -15.76
CA SER D 155 -6.55 -6.17 -14.95
C SER D 155 -5.49 -7.24 -15.12
N ALA D 156 -4.92 -7.39 -16.32
CA ALA D 156 -3.85 -8.35 -16.53
C ALA D 156 -2.63 -8.00 -15.68
N LYS D 157 -2.26 -6.72 -15.68
CA LYS D 157 -1.11 -6.31 -14.88
C LYS D 157 -1.39 -6.50 -13.38
N ALA D 158 -2.59 -6.17 -12.91
CA ALA D 158 -2.92 -6.44 -11.51
C ALA D 158 -2.91 -7.96 -11.24
N ALA D 159 -3.46 -8.77 -12.15
CA ALA D 159 -3.41 -10.22 -11.95
C ALA D 159 -1.98 -10.68 -11.78
N GLN D 160 -1.06 -10.14 -12.58
CA GLN D 160 0.35 -10.50 -12.48
C GLN D 160 0.95 -10.06 -11.15
N MET D 161 0.41 -9.01 -10.53
CA MET D 161 0.81 -8.70 -9.16
C MET D 161 0.34 -9.78 -8.20
N GLY D 162 -0.88 -10.29 -8.40
CA GLY D 162 -1.36 -11.36 -7.56
C GLY D 162 -0.51 -12.61 -7.69
N PHE D 163 -0.20 -12.99 -8.94
CA PHE D 163 0.75 -14.06 -9.20
C PHE D 163 2.05 -13.83 -8.45
N THR D 164 2.54 -12.59 -8.43
CA THR D 164 3.81 -12.30 -7.75
C THR D 164 3.71 -12.68 -6.29
N ARG D 165 2.64 -12.26 -5.61
CA ARG D 165 2.52 -12.53 -4.19
C ARG D 165 2.21 -13.99 -3.92
N GLU D 166 1.37 -14.59 -4.77
CA GLU D 166 1.04 -16.00 -4.63
C GLU D 166 2.27 -16.88 -4.78
N TRP D 167 3.07 -16.63 -5.83
CA TRP D 167 4.24 -17.46 -6.06
C TRP D 167 5.31 -17.21 -5.01
N ALA D 168 5.42 -15.96 -4.52
CA ALA D 168 6.34 -15.71 -3.40
C ALA D 168 5.98 -16.57 -2.20
N CYS D 169 4.68 -16.70 -1.91
CA CYS D 169 4.24 -17.59 -0.84
C CYS D 169 4.58 -19.03 -1.14
N ALA D 170 4.23 -19.49 -2.34
CA ALA D 170 4.37 -20.91 -2.68
C ALA D 170 5.80 -21.40 -2.55
N PHE D 171 6.79 -20.58 -2.93
CA PHE D 171 8.16 -21.06 -3.11
C PHE D 171 9.18 -20.41 -2.18
N ALA D 172 8.72 -19.63 -1.20
CA ALA D 172 9.60 -19.18 -0.13
C ALA D 172 10.28 -20.37 0.55
N LYS D 173 9.51 -21.44 0.78
CA LYS D 173 10.04 -22.69 1.30
C LYS D 173 11.21 -23.19 0.48
N ASP D 174 11.24 -22.85 -0.82
CA ASP D 174 12.21 -23.36 -1.79
C ASP D 174 13.40 -22.44 -1.99
N ASN D 175 13.46 -21.33 -1.25
CA ASN D 175 14.43 -20.27 -1.48
C ASN D 175 14.39 -19.78 -2.92
N VAL D 176 13.18 -19.65 -3.46
CA VAL D 176 12.97 -19.01 -4.76
C VAL D 176 12.25 -17.69 -4.52
N ARG D 177 12.87 -16.58 -4.94
CA ARG D 177 12.32 -15.24 -4.79
C ARG D 177 11.46 -14.87 -5.99
N VAL D 178 10.32 -14.23 -5.73
CA VAL D 178 9.39 -13.78 -6.77
C VAL D 178 9.08 -12.31 -6.53
N ASN D 179 9.36 -11.48 -7.53
CA ASN D 179 9.18 -10.04 -7.42
C ASN D 179 8.60 -9.51 -8.71
N ALA D 180 8.18 -8.23 -8.68
CA ALA D 180 7.67 -7.56 -9.85
C ALA D 180 8.22 -6.15 -9.94
N ILE D 181 8.33 -5.66 -11.18
CA ILE D 181 8.64 -4.27 -11.46
C ILE D 181 7.42 -3.62 -12.09
N ALA D 182 6.99 -2.49 -11.52
CA ALA D 182 5.88 -1.71 -12.07
C ALA D 182 6.45 -0.41 -12.62
N PRO D 183 6.84 -0.37 -13.89
CA PRO D 183 7.22 0.90 -14.50
C PRO D 183 6.01 1.81 -14.66
N ALA D 184 6.28 3.11 -14.76
CA ALA D 184 5.23 4.06 -15.09
C ALA D 184 5.27 4.39 -16.58
N GLU D 185 6.19 5.26 -16.97
CA GLU D 185 6.41 5.60 -18.37
C GLU D 185 7.88 5.41 -18.67
N VAL D 186 8.18 4.47 -19.57
CA VAL D 186 9.55 4.11 -19.97
C VAL D 186 9.68 4.38 -21.46
N MET D 187 10.69 5.18 -21.83
CA MET D 187 10.91 5.53 -23.22
C MET D 187 11.54 4.35 -23.94
N THR D 188 10.84 3.84 -24.95
CA THR D 188 11.32 2.76 -25.80
C THR D 188 11.20 3.21 -27.24
N PRO D 189 11.93 2.56 -28.15
CA PRO D 189 11.73 2.87 -29.58
C PRO D 189 10.28 2.80 -30.02
N LEU D 190 9.52 1.80 -29.56
CA LEU D 190 8.10 1.75 -29.89
C LEU D 190 7.36 2.96 -29.34
N TYR D 191 7.65 3.36 -28.08
CA TYR D 191 7.02 4.56 -27.54
C TYR D 191 7.35 5.76 -28.41
N GLU D 192 8.63 5.93 -28.77
CA GLU D 192 9.02 7.05 -29.59
C GLU D 192 8.35 6.99 -30.95
N LYS D 193 8.15 5.78 -31.48
CA LYS D 193 7.43 5.65 -32.75
C LYS D 193 5.95 5.95 -32.57
N TRP D 194 5.40 5.71 -31.38
CA TRP D 194 4.00 6.07 -31.14
C TRP D 194 3.83 7.57 -30.94
N LEU D 195 4.81 8.23 -30.32
CA LEU D 195 4.71 9.68 -30.16
C LEU D 195 4.92 10.40 -31.49
N GLN D 196 5.87 9.93 -32.31
CA GLN D 196 6.10 10.54 -33.61
C GLN D 196 4.89 10.42 -34.53
N ASN D 197 3.95 9.55 -34.20
CA ASN D 197 2.67 9.42 -34.90
C ASN D 197 1.77 10.63 -34.74
N PHE D 198 2.14 11.58 -33.89
CA PHE D 198 1.30 12.70 -33.50
C PHE D 198 1.60 13.93 -34.34
N PRO D 199 0.60 14.79 -34.55
CA PRO D 199 0.86 16.07 -35.23
C PRO D 199 1.96 16.86 -34.56
N ASN D 200 1.97 16.89 -33.21
CA ASN D 200 3.02 17.54 -32.43
C ASN D 200 3.65 16.50 -31.51
N PRO D 201 4.72 15.83 -31.95
CA PRO D 201 5.34 14.81 -31.08
C PRO D 201 5.86 15.37 -29.78
N LYS D 202 6.55 16.52 -29.82
CA LYS D 202 7.12 17.09 -28.60
C LYS D 202 6.02 17.50 -27.63
N GLU D 203 4.99 18.19 -28.14
CA GLU D 203 3.86 18.55 -27.27
C GLU D 203 3.26 17.31 -26.61
N GLN D 204 3.13 16.22 -27.35
CA GLN D 204 2.48 15.04 -26.82
C GLN D 204 3.34 14.36 -25.75
N TYR D 205 4.64 14.25 -25.99
CA TYR D 205 5.55 13.76 -24.97
C TYR D 205 5.52 14.65 -23.74
N GLU D 206 5.43 15.97 -23.93
CA GLU D 206 5.47 16.88 -22.80
C GLU D 206 4.21 16.75 -21.94
N LYS D 207 3.05 16.51 -22.57
CA LYS D 207 1.83 16.28 -21.81
C LYS D 207 1.99 15.11 -20.85
N ILE D 208 2.55 14.00 -21.33
CA ILE D 208 2.79 12.85 -20.47
C ILE D 208 3.90 13.13 -19.47
N ALA D 209 5.04 13.65 -19.95
CA ALA D 209 6.23 13.70 -19.09
C ALA D 209 6.09 14.69 -17.94
N LYS D 210 5.25 15.72 -18.10
CA LYS D 210 5.18 16.76 -17.07
C LYS D 210 4.58 16.24 -15.77
N ALA D 211 3.86 15.12 -15.82
CA ALA D 211 3.27 14.51 -14.62
C ALA D 211 4.24 13.62 -13.86
N ILE D 212 5.49 13.50 -14.31
CA ILE D 212 6.47 12.62 -13.68
C ILE D 212 7.35 13.49 -12.77
N PRO D 213 7.29 13.30 -11.45
CA PRO D 213 7.97 14.25 -10.56
C PRO D 213 9.48 14.34 -10.73
N LEU D 214 10.18 13.24 -10.98
CA LEU D 214 11.64 13.28 -10.98
C LEU D 214 12.08 13.63 -12.39
N GLY D 215 12.25 14.92 -12.64
CA GLY D 215 12.81 15.40 -13.88
C GLY D 215 11.84 15.64 -15.02
N HIS D 216 10.53 15.47 -14.82
CA HIS D 216 9.54 15.60 -15.89
C HIS D 216 10.00 14.84 -17.15
N ARG D 217 10.48 13.62 -16.95
CA ARG D 217 11.06 12.81 -18.02
C ARG D 217 10.70 11.35 -17.82
N PHE D 218 10.61 10.61 -18.92
CA PHE D 218 10.34 9.19 -18.86
C PHE D 218 11.50 8.46 -18.18
N THR D 219 11.17 7.35 -17.54
CA THR D 219 12.20 6.42 -17.09
C THR D 219 12.92 5.86 -18.31
N THR D 220 14.22 5.65 -18.16
CA THR D 220 14.97 5.02 -19.24
C THR D 220 14.92 3.50 -19.10
N ILE D 221 15.11 2.84 -20.25
CA ILE D 221 15.29 1.39 -20.29
C ILE D 221 16.38 0.96 -19.31
N GLU D 222 17.52 1.65 -19.33
CA GLU D 222 18.64 1.30 -18.46
C GLU D 222 18.23 1.34 -16.98
N GLU D 223 17.40 2.31 -16.61
CA GLU D 223 16.96 2.41 -15.21
C GLU D 223 16.09 1.22 -14.81
N ILE D 224 15.15 0.80 -15.66
CA ILE D 224 14.38 -0.41 -15.38
C ILE D 224 15.31 -1.62 -15.29
N ALA D 225 16.24 -1.73 -16.24
CA ALA D 225 17.15 -2.87 -16.28
C ALA D 225 18.01 -2.97 -15.03
N ASN D 226 18.56 -1.85 -14.56
CA ASN D 226 19.41 -1.88 -13.37
C ASN D 226 18.68 -2.49 -12.19
N THR D 227 17.47 -1.98 -11.92
CA THR D 227 16.69 -2.51 -10.80
C THR D 227 16.29 -3.97 -11.03
N ALA D 228 15.89 -4.31 -12.25
CA ALA D 228 15.51 -5.69 -12.56
C ALA D 228 16.66 -6.65 -12.30
N VAL D 229 17.83 -6.36 -12.85
CA VAL D 229 18.94 -7.31 -12.78
C VAL D 229 19.47 -7.39 -11.35
N PHE D 230 19.60 -6.25 -10.66
CA PHE D 230 19.95 -6.30 -9.25
C PHE D 230 18.97 -7.16 -8.46
N THR D 231 17.67 -6.99 -8.73
CA THR D 231 16.67 -7.75 -7.99
C THR D 231 16.76 -9.25 -8.29
N LEU D 232 17.06 -9.62 -9.54
CA LEU D 232 17.20 -11.01 -9.91
C LEU D 232 18.38 -11.67 -9.21
N SER D 233 19.43 -10.91 -8.92
CA SER D 233 20.72 -11.44 -8.55
C SER D 233 20.73 -11.94 -7.11
N PRO D 234 21.69 -12.80 -6.76
CA PRO D 234 21.86 -13.21 -5.35
C PRO D 234 22.06 -12.04 -4.37
N LEU D 235 22.36 -10.84 -4.85
CA LEU D 235 22.57 -9.71 -3.95
C LEU D 235 21.27 -9.20 -3.37
N ALA D 236 20.13 -9.56 -3.96
CA ALA D 236 18.82 -9.27 -3.38
C ALA D 236 18.26 -10.51 -2.70
N SER D 237 19.09 -11.26 -1.96
CA SER D 237 18.72 -12.63 -1.59
C SER D 237 17.67 -12.70 -0.48
N HIS D 238 17.20 -11.58 0.07
CA HIS D 238 16.06 -11.67 0.99
C HIS D 238 14.87 -10.86 0.49
N THR D 239 14.87 -10.47 -0.78
CA THR D 239 13.77 -9.69 -1.35
C THR D 239 12.83 -10.64 -2.10
N THR D 240 11.59 -10.74 -1.64
CA THR D 240 10.59 -11.54 -2.34
C THR D 240 9.21 -10.94 -2.10
N GLY D 241 8.28 -11.21 -3.01
CA GLY D 241 6.96 -10.64 -2.94
C GLY D 241 6.87 -9.15 -3.15
N GLN D 242 7.91 -8.52 -3.68
CA GLN D 242 7.95 -7.07 -3.79
C GLN D 242 7.40 -6.58 -5.12
N ILE D 243 6.54 -5.57 -5.06
CA ILE D 243 6.17 -4.79 -6.24
C ILE D 243 7.01 -3.52 -6.19
N LEU D 244 8.02 -3.43 -7.04
CA LEU D 244 9.00 -2.36 -7.00
C LEU D 244 8.67 -1.28 -8.02
N MET D 245 8.91 -0.02 -7.64
CA MET D 245 8.57 1.13 -8.49
C MET D 245 9.76 2.06 -8.72
N PRO D 246 10.57 1.79 -9.72
CA PRO D 246 11.53 2.77 -10.25
C PRO D 246 10.79 3.59 -11.30
N ASP D 247 10.08 4.62 -10.85
CA ASP D 247 9.08 5.23 -11.71
C ASP D 247 9.03 6.75 -11.64
N GLY D 248 10.10 7.40 -11.14
CA GLY D 248 10.12 8.85 -11.04
C GLY D 248 9.18 9.47 -10.02
N GLY D 249 8.63 8.68 -9.09
CA GLY D 249 7.65 9.19 -8.13
C GLY D 249 6.21 9.13 -8.62
N TYR D 250 5.95 8.42 -9.72
CA TYR D 250 4.65 8.49 -10.40
C TYR D 250 3.52 7.99 -9.51
N VAL D 251 3.70 6.83 -8.88
CA VAL D 251 2.60 6.20 -8.16
C VAL D 251 2.40 6.82 -6.79
N HIS D 252 3.49 7.19 -6.11
CA HIS D 252 3.41 7.48 -4.68
C HIS D 252 3.44 8.95 -4.29
N LEU D 253 3.89 9.85 -5.16
CA LEU D 253 4.03 11.24 -4.78
C LEU D 253 2.76 12.02 -5.11
N ASP D 254 2.46 13.02 -4.27
CA ASP D 254 1.27 13.86 -4.39
C ASP D 254 0.96 14.15 -5.85
N ARG D 255 -0.28 13.82 -6.27
CA ARG D 255 -0.70 14.05 -7.64
C ARG D 255 -0.68 15.52 -8.03
N ALA D 256 -0.75 16.44 -7.07
CA ALA D 256 -0.74 17.87 -7.39
C ALA D 256 0.68 18.43 -7.51
N LEU D 257 1.71 17.61 -7.33
CA LEU D 257 3.09 18.08 -7.42
C LEU D 257 3.37 18.69 -8.80
N ASN D 258 4.00 19.86 -8.82
CA ASN D 258 4.40 20.46 -10.09
C ASN D 258 5.54 21.44 -9.86
N TRP D 259 6.23 21.77 -10.93
CA TRP D 259 7.29 22.78 -10.89
C TRP D 259 7.73 23.22 -12.27
PA NAP E . -20.28 -18.98 -0.90
O1A NAP E . -20.90 -18.91 0.48
O2A NAP E . -19.94 -20.28 -1.58
O5B NAP E . -21.29 -18.19 -1.86
C5B NAP E . -20.90 -17.92 -3.20
C4B NAP E . -22.16 -17.73 -4.01
O4B NAP E . -21.78 -17.39 -5.35
C3B NAP E . -22.93 -19.03 -4.09
O3B NAP E . -24.33 -18.73 -4.13
C2B NAP E . -22.54 -19.63 -5.42
O2B NAP E . -23.59 -20.47 -5.92
C1B NAP E . -22.35 -18.35 -6.22
N9A NAP E . -21.49 -18.49 -7.41
C8A NAP E . -20.17 -18.72 -7.45
N7A NAP E . -19.71 -18.79 -8.73
C5A NAP E . -20.78 -18.59 -9.55
C6A NAP E . -21.02 -18.54 -11.00
N6A NAP E . -19.99 -18.70 -11.88
N1A NAP E . -22.29 -18.30 -11.42
C2A NAP E . -23.32 -18.11 -10.56
N3A NAP E . -23.18 -18.15 -9.22
C4A NAP E . -21.95 -18.39 -8.67
O3 NAP E . -18.96 -18.07 -1.00
PN NAP E . -18.63 -16.73 -0.19
O1N NAP E . -17.63 -17.11 0.88
O2N NAP E . -19.85 -15.94 0.19
O5D NAP E . -17.84 -15.96 -1.37
C5D NAP E . -18.39 -14.85 -2.09
C4D NAP E . -17.23 -13.93 -2.39
O4D NAP E . -16.51 -13.67 -1.18
C3D NAP E . -16.24 -14.56 -3.35
O3D NAP E . -16.00 -13.66 -4.44
C2D NAP E . -14.96 -14.73 -2.55
O2D NAP E . -13.80 -14.43 -3.36
C1D NAP E . -15.12 -13.74 -1.42
N1N NAP E . -14.34 -14.11 -0.23
C2N NAP E . -14.86 -14.90 0.73
C3N NAP E . -14.10 -15.24 1.86
C7N NAP E . -14.66 -16.12 2.94
O7N NAP E . -13.96 -16.37 3.90
N7N NAP E . -15.91 -16.58 2.86
C4N NAP E . -12.81 -14.76 1.99
C5N NAP E . -12.30 -13.93 1.00
C6N NAP E . -13.09 -13.63 -0.11
P2B NAP E . -23.62 -22.08 -5.75
O1X NAP E . -22.95 -22.36 -4.42
O2X NAP E . -25.10 -22.37 -5.75
O3X NAP E . -22.89 -22.62 -6.95
C1 GOL F . -35.09 2.54 -10.77
O1 GOL F . -33.89 2.68 -11.44
C2 GOL F . -34.75 1.99 -9.38
O2 GOL F . -35.86 2.03 -8.52
C3 GOL F . -33.55 2.84 -8.86
O3 GOL F . -32.37 2.15 -9.20
MG MG G . -26.51 -20.05 -17.54
PA NAP H . -9.97 23.36 11.30
O1A NAP H . -11.21 23.70 10.51
O2A NAP H . -8.91 24.39 11.59
O5B NAP H . -10.46 22.70 12.68
C5B NAP H . -9.48 22.23 13.59
C4B NAP H . -10.03 22.39 14.99
O4B NAP H . -9.05 21.81 15.87
C3B NAP H . -10.17 23.84 15.41
O3B NAP H . -11.30 23.97 16.28
C2B NAP H . -8.92 24.14 16.20
O2B NAP H . -9.11 25.18 17.17
C1B NAP H . -8.68 22.78 16.85
N9A NAP H . -7.27 22.60 17.24
C8A NAP H . -6.21 22.50 16.42
N7A NAP H . -5.07 22.36 17.13
C5A NAP H . -5.41 22.35 18.44
C6A NAP H . -4.69 22.23 19.72
N6A NAP H . -3.34 22.08 19.74
N1A NAP H . -5.44 22.28 20.84
C2A NAP H . -6.78 22.42 20.83
N3A NAP H . -7.50 22.56 19.70
C4A NAP H . -6.87 22.52 18.50
O3 NAP H . -9.17 22.15 10.65
PN NAP H . -9.80 20.85 9.96
O1N NAP H . -9.58 21.04 8.46
O2N NAP H . -11.16 20.54 10.53
O5D NAP H . -8.71 19.78 10.48
C5D NAP H . -9.05 18.69 11.33
C4D NAP H . -8.14 17.52 10.99
O4D NAP H . -8.35 17.14 9.63
C3D NAP H . -6.65 17.85 11.13
O3D NAP H . -6.00 16.84 11.91
C2D NAP H . -6.12 17.81 9.72
O2D NAP H . -4.79 17.29 9.70
C1D NAP H . -7.11 16.90 8.99
N1N NAP H . -7.16 17.18 7.54
C2N NAP H . -7.92 18.17 7.03
C3N NAP H . -7.92 18.40 5.65
C7N NAP H . -8.74 19.51 5.03
O7N NAP H . -8.65 19.65 3.82
N7N NAP H . -9.53 20.27 5.79
C4N NAP H . -7.18 17.59 4.80
C5N NAP H . -6.42 16.55 5.35
C6N NAP H . -6.45 16.36 6.73
P2B NAP H . -8.86 26.76 16.81
O1X NAP H . -9.16 26.91 15.34
O2X NAP H . -9.86 27.47 17.70
O3X NAP H . -7.42 27.03 17.15
MG MG I . -4.82 24.52 28.20
PA NAP J . 22.44 -1.23 16.28
O1A NAP J . 23.16 -2.52 15.94
O2A NAP J . 22.19 -0.85 17.72
O5B NAP J . 23.24 0.00 15.61
C5B NAP J . 22.76 1.32 15.88
C4B NAP J . 23.92 2.31 15.76
O4B NAP J . 23.39 3.63 15.78
C3B NAP J . 24.81 2.18 16.98
O3B NAP J . 26.14 2.48 16.56
C2B NAP J . 24.29 3.25 17.90
O2B NAP J . 25.29 3.74 18.78
C1B NAP J . 23.94 4.33 16.90
N9A NAP J . 22.98 5.29 17.46
C8A NAP J . 21.72 5.04 17.84
N7A NAP J . 21.13 6.17 18.32
C5A NAP J . 22.03 7.16 18.23
C6A NAP J . 22.07 8.60 18.57
N6A NAP J . 20.96 9.21 19.10
N1A NAP J . 23.21 9.27 18.32
C2A NAP J . 24.30 8.68 17.80
N3A NAP J . 24.35 7.36 17.48
C4A NAP J . 23.26 6.58 17.68
O3 NAP J . 21.03 -1.14 15.53
PN NAP J . 20.60 -1.55 14.03
O1N NAP J . 19.68 -2.74 14.11
O2N NAP J . 21.73 -1.51 13.03
O5D NAP J . 19.67 -0.25 13.77
C5D NAP J . 19.93 0.62 12.68
C4D NAP J . 18.60 1.09 12.09
O4D NAP J . 17.92 -0.04 11.55
C3D NAP J . 17.68 1.72 13.13
O3D NAP J . 17.19 2.96 12.58
C2D NAP J . 16.53 0.75 13.29
O2D NAP J . 15.29 1.46 13.44
C1D NAP J . 16.55 -0.03 11.98
N1N NAP J . 16.00 -1.40 12.04
C2N NAP J . 16.73 -2.44 12.50
C3N NAP J . 16.19 -3.73 12.54
C7N NAP J . 16.97 -4.93 13.06
O7N NAP J . 16.41 -6.00 13.16
N7N NAP J . 18.26 -4.80 13.38
C4N NAP J . 14.88 -3.93 12.09
C5N NAP J . 14.15 -2.85 11.61
C6N NAP J . 14.74 -1.58 11.58
P2B NAP J . 25.57 3.05 20.23
O1X NAP J . 25.06 1.63 20.11
O2X NAP J . 27.06 3.19 20.32
O3X NAP J . 24.78 3.86 21.23
MG MG K . 27.12 15.26 21.29
PA NAP L . 7.90 -3.22 -26.43
O1A NAP L . 9.05 -2.25 -26.65
O2A NAP L . 6.79 -3.34 -27.44
O5B NAP L . 8.52 -4.67 -26.19
C5B NAP L . 7.66 -5.79 -25.99
C4B NAP L . 8.34 -7.03 -26.53
O4B NAP L . 7.57 -8.17 -26.18
C3B NAP L . 8.39 -6.99 -28.05
O3B NAP L . 9.58 -7.67 -28.46
C2B NAP L . 7.19 -7.80 -28.47
O2B NAP L . 7.41 -8.43 -29.72
C1B NAP L . 7.17 -8.85 -27.37
N9A NAP L . 5.85 -9.46 -27.15
C8A NAP L . 4.73 -8.85 -26.70
N7A NAP L . 3.70 -9.75 -26.59
C5A NAP L . 4.17 -10.95 -26.99
C6A NAP L . 3.61 -12.32 -27.12
N6A NAP L . 2.30 -12.60 -26.81
N1A NAP L . 4.46 -13.28 -27.57
C2A NAP L . 5.75 -13.03 -27.87
N3A NAP L . 6.32 -11.81 -27.78
C4A NAP L . 5.59 -10.76 -27.35
O3 NAP L . 7.18 -2.87 -25.04
PN NAP L . 7.84 -2.64 -23.58
O1N NAP L . 7.35 -1.26 -23.17
O2N NAP L . 9.30 -3.04 -23.52
O5D NAP L . 6.95 -3.69 -22.71
C5D NAP L . 7.51 -4.74 -21.92
C4D NAP L . 6.76 -4.77 -20.58
O4D NAP L . 6.85 -3.47 -20.00
C3D NAP L . 5.27 -5.09 -20.74
O3D NAP L . 4.93 -6.19 -19.89
C2D NAP L . 4.56 -3.84 -20.26
O2D NAP L . 3.38 -4.20 -19.52
C1D NAP L . 5.61 -3.17 -19.40
N1N NAP L . 5.44 -1.72 -19.22
C2N NAP L . 5.97 -0.85 -20.09
C3N NAP L . 5.79 0.51 -19.90
C7N NAP L . 6.38 1.52 -20.85
O7N NAP L . 6.14 2.71 -20.67
N7N NAP L . 7.17 1.08 -21.83
C4N NAP L . 5.06 0.99 -18.82
C5N NAP L . 4.53 0.06 -17.92
C6N NAP L . 4.73 -1.30 -18.16
P2B NAP L . 6.99 -7.72 -31.11
O1X NAP L . 7.07 -6.22 -30.88
O2X NAP L . 8.07 -8.19 -32.06
O3X NAP L . 5.62 -8.24 -31.43
C1 GOL M . 5.13 -28.31 -14.79
O1 GOL M . 4.03 -28.38 -13.91
C2 GOL M . 5.54 -29.77 -15.15
O2 GOL M . 6.02 -30.45 -14.05
C3 GOL M . 6.66 -29.62 -16.22
O3 GOL M . 6.14 -30.10 -17.43
C1 GOL N . 22.94 -23.86 -14.89
O1 GOL N . 21.90 -23.85 -15.78
C2 GOL N . 23.66 -22.53 -15.10
O2 GOL N . 24.99 -22.60 -14.70
C3 GOL N . 22.85 -21.54 -14.24
O3 GOL N . 21.67 -21.23 -14.93
MG MG O . 4.35 -19.76 -31.71
#